data_5NHT
#
_entry.id   5NHT
#
_cell.length_a   222.077
_cell.length_b   49.284
_cell.length_c   96.133
_cell.angle_alpha   90.00
_cell.angle_beta   97.61
_cell.angle_gamma   90.00
#
_symmetry.space_group_name_H-M   'C 1 2 1'
#
loop_
_entity.id
_entity.type
_entity.pdbx_description
1 polymer 'HLA class I histocompatibility antigen, A-2 alpha chain'
2 polymer Beta-2-microglobulin
3 polymer 'Melanoma antigen recognized by T-cells 1'
4 polymer 'T-cell receptor alpha variable 12-2,T-cell receptor, sp3.4 alpha chain'
5 polymer 'T-cell receptor beta variable 19,TRB protein'
6 non-polymer 'THIOCYANATE ION'
7 non-polymer 'POTASSIUM ION'
8 non-polymer 'CHLORIDE ION'
9 water water
#
loop_
_entity_poly.entity_id
_entity_poly.type
_entity_poly.pdbx_seq_one_letter_code
_entity_poly.pdbx_strand_id
1 'polypeptide(L)'
;GSHSMRYFFTSVSRPGRGEPRFIAVGYVDDTQFVRFDSDAASQRMEPRAPWIEQEGPEYWDGETRKVKAHSQTHRVDLGT
LRGYYNQSEAGSHTVQRMYGCDVGSDWRFLRGYHQYAYDGKDYIALKEDLRSWTAADMAAQTTKHKWEAAHVAEQLRAYL
EGTCVEWLRRYLENGKETLQRTDAPKTHMTHHAVSDHEATLRCWALSFYPAEITLTWQRDGEDQTQDTELVETRPAGDGT
FQKWVAVVVPSGQEQRYTCHVQHEGLPKPLTLRWEP
;
H
2 'polypeptide(L)'
;MIQRTPKIQVYSRHPAENGKSNFLNCYVSGFHPSDIEVDLLKNGERIEKVEHSDLSFSKDWSFYLLYYTEFTPTEKDEYA
CRVNHVTLSQPKIVKWDRDM
;
L
3 'polypeptide(L)' ELAGIGILTV P
4 'polypeptide(L)'
;MQQKEVEQNSGPLSVPEGAIASLNCTYSDRGSQSFFWYRQYSGKSPELIMSIYSNGDKEDGRFTAQLNKASQYVSLLIRD
SQPSDSATYLCAVGGGADGLTFGKGTHLIIQPYIQNPDPAVYQLRDSKSSDKSVCLFTDFDSQTNVSQSKDSDVYITDKC
VLDMRSMDFKSNSAVAWSNKSDFACANAFNNSIIPEDTFFPSPENDGGGCK
;
A
5 'polypeptide(L)'
;MGITQSPKYLFRKEGQNVTLSCEQNLNHDAMYWYRQDPGQGLRLIYYSQIVNDFQKGDIAEGYSVSREKKESFPLTVTSA
QKNPTAFYLCASSQGLAGAGELFFGEGSRLTVLEDLKNVFPPEVAVFEPSEAEISHTQKATLVCLATGFYPDHVELSWWV
NGKEVHSGVCTDPQPLKEQPALNDSRYCLSSRLRVSATFWQNPRNHFRCQVQFYGLSENDEWTQDRAKPVTQIVSAEAWG
RADQDRGGGCD
;
B
#
loop_
_chem_comp.id
_chem_comp.type
_chem_comp.name
_chem_comp.formula
CL non-polymer 'CHLORIDE ION' 'Cl -1'
K non-polymer 'POTASSIUM ION' 'K 1'
SCN non-polymer 'THIOCYANATE ION' 'C N S -1'
#
# COMPACT_ATOMS: atom_id res chain seq x y z
N GLY A 1 2.59 -8.34 -33.82
CA GLY A 1 1.40 -9.22 -33.62
C GLY A 1 0.93 -9.22 -32.18
N SER A 2 1.63 -10.00 -31.35
CA SER A 2 1.49 -9.91 -29.89
C SER A 2 2.15 -8.60 -29.41
N HIS A 3 1.89 -8.22 -28.16
CA HIS A 3 2.46 -6.99 -27.60
C HIS A 3 2.93 -7.19 -26.14
N SER A 4 3.63 -6.18 -25.60
CA SER A 4 4.15 -6.26 -24.24
C SER A 4 4.44 -4.89 -23.63
N MET A 5 4.08 -4.73 -22.36
CA MET A 5 4.53 -3.60 -21.55
C MET A 5 5.61 -4.19 -20.65
N ARG A 6 6.78 -3.56 -20.63
CA ARG A 6 7.92 -4.08 -19.89
C ARG A 6 8.58 -2.94 -19.12
N TYR A 7 8.98 -3.20 -17.87
CA TYR A 7 9.67 -2.23 -17.03
C TYR A 7 11.00 -2.79 -16.53
N PHE A 8 12.09 -2.08 -16.84
CA PHE A 8 13.44 -2.49 -16.52
C PHE A 8 13.99 -1.54 -15.48
N PHE A 9 14.41 -2.08 -14.34
CA PHE A 9 14.98 -1.28 -13.27
C PHE A 9 16.42 -1.66 -13.10
N THR A 10 17.30 -0.69 -12.89
CA THR A 10 18.71 -0.99 -12.65
C THR A 10 19.21 -0.23 -11.44
N SER A 11 19.96 -0.91 -10.56
CA SER A 11 20.40 -0.32 -9.31
C SER A 11 21.82 -0.73 -8.92
N VAL A 12 22.68 0.28 -8.76
CA VAL A 12 24.14 0.11 -8.68
C VAL A 12 24.70 0.84 -7.46
N SER A 13 25.15 0.08 -6.47
CA SER A 13 25.74 0.64 -5.26
C SER A 13 27.11 1.22 -5.55
N ARG A 14 27.30 2.49 -5.23
CA ARG A 14 28.58 3.17 -5.42
C ARG A 14 29.01 3.70 -4.05
N PRO A 15 29.62 2.82 -3.24
CA PRO A 15 30.05 3.20 -1.89
C PRO A 15 31.27 4.12 -1.95
N GLY A 16 31.30 5.07 -1.03
CA GLY A 16 32.27 6.16 -1.04
C GLY A 16 31.67 7.36 -1.75
N ARG A 17 31.25 7.14 -2.99
CA ARG A 17 30.65 8.17 -3.82
C ARG A 17 29.11 8.18 -3.75
N GLY A 18 28.56 7.79 -2.59
CA GLY A 18 27.18 8.17 -2.23
C GLY A 18 26.05 7.22 -2.56
N GLU A 19 24.86 7.78 -2.73
CA GLU A 19 23.64 7.00 -2.96
C GLU A 19 23.73 6.27 -4.28
N PRO A 20 23.18 5.05 -4.36
CA PRO A 20 23.35 4.22 -5.55
C PRO A 20 22.65 4.78 -6.78
N ARG A 21 23.21 4.51 -7.95
CA ARG A 21 22.58 4.85 -9.21
C ARG A 21 21.35 4.00 -9.40
N PHE A 22 20.24 4.61 -9.82
CA PHE A 22 18.95 3.92 -9.98
C PHE A 22 18.28 4.41 -11.25
N ILE A 23 17.96 3.49 -12.17
CA ILE A 23 17.45 3.87 -13.48
C ILE A 23 16.31 2.94 -13.85
N ALA A 24 15.09 3.44 -13.67
CA ALA A 24 13.90 2.74 -14.15
C ALA A 24 13.64 3.16 -15.58
N VAL A 25 13.31 2.23 -16.47
CA VAL A 25 12.77 2.59 -17.78
C VAL A 25 11.57 1.73 -18.08
N GLY A 26 10.79 2.16 -19.08
CA GLY A 26 9.51 1.55 -19.38
C GLY A 26 9.34 1.46 -20.88
N TYR A 27 9.09 0.25 -21.36
CA TYR A 27 8.91 -0.02 -22.78
C TYR A 27 7.50 -0.49 -23.03
N VAL A 28 6.96 -0.08 -24.18
CA VAL A 28 5.86 -0.79 -24.82
C VAL A 28 6.44 -1.39 -26.10
N ASP A 29 6.43 -2.71 -26.16
CA ASP A 29 7.15 -3.48 -27.19
C ASP A 29 8.62 -3.07 -27.21
N ASP A 30 9.04 -2.34 -28.24
CA ASP A 30 10.44 -1.93 -28.41
C ASP A 30 10.61 -0.43 -28.49
N THR A 31 9.55 0.29 -28.09
CA THR A 31 9.53 1.73 -28.01
C THR A 31 9.66 2.11 -26.53
N GLN A 32 10.64 2.93 -26.20
CA GLN A 32 10.75 3.43 -24.83
C GLN A 32 9.76 4.59 -24.67
N PHE A 33 9.12 4.67 -23.49
CA PHE A 33 8.12 5.70 -23.22
C PHE A 33 8.19 6.39 -21.85
N VAL A 34 8.67 5.70 -20.81
CA VAL A 34 9.03 6.38 -19.54
C VAL A 34 10.42 6.05 -19.02
N ARG A 35 10.97 6.96 -18.24
CA ARG A 35 12.29 6.82 -17.67
C ARG A 35 12.37 7.42 -16.28
N PHE A 36 13.31 6.91 -15.51
CA PHE A 36 13.74 7.57 -14.30
C PHE A 36 15.22 7.31 -14.16
N ASP A 37 15.97 8.38 -13.94
CA ASP A 37 17.37 8.31 -13.61
C ASP A 37 17.46 9.08 -12.31
N SER A 38 18.14 8.50 -11.32
CA SER A 38 18.32 9.15 -10.02
C SER A 38 19.22 10.37 -10.13
N ASP A 39 20.18 10.28 -11.07
CA ASP A 39 21.10 11.37 -11.38
C ASP A 39 20.53 12.41 -12.35
N ALA A 40 19.23 12.29 -12.68
CA ALA A 40 18.55 13.32 -13.46
C ALA A 40 18.30 14.54 -12.60
N ALA A 41 18.12 15.68 -13.28
CA ALA A 41 17.80 16.94 -12.62
C ALA A 41 16.40 16.96 -12.00
N SER A 42 15.43 16.41 -12.75
CA SER A 42 14.00 16.54 -12.43
C SER A 42 13.59 15.86 -11.15
N GLN A 43 14.12 14.65 -10.95
CA GLN A 43 13.64 13.73 -9.92
C GLN A 43 12.16 13.40 -10.16
N ARG A 44 11.78 13.32 -11.43
CA ARG A 44 10.43 12.98 -11.87
C ARG A 44 10.53 11.91 -12.94
N MET A 45 9.57 11.00 -12.96
CA MET A 45 9.43 10.05 -14.06
C MET A 45 9.04 10.89 -15.27
N GLU A 46 9.85 10.87 -16.32
CA GLU A 46 9.59 11.69 -17.52
C GLU A 46 8.94 10.85 -18.63
N PRO A 47 8.28 11.53 -19.61
CA PRO A 47 7.84 10.89 -20.86
C PRO A 47 8.94 10.83 -21.90
N ARG A 48 9.05 9.68 -22.57
CA ARG A 48 10.07 9.46 -23.61
C ARG A 48 9.41 9.00 -24.93
N ALA A 49 8.20 9.51 -25.17
CA ALA A 49 7.39 9.18 -26.35
C ALA A 49 6.13 10.03 -26.27
N PRO A 50 5.77 10.73 -27.36
CA PRO A 50 4.75 11.78 -27.29
C PRO A 50 3.39 11.37 -26.69
N TRP A 51 2.98 10.13 -26.96
CA TRP A 51 1.63 9.64 -26.59
C TRP A 51 1.34 9.41 -25.09
N ILE A 52 2.36 9.41 -24.24
CA ILE A 52 2.17 9.40 -22.77
C ILE A 52 2.13 10.81 -22.16
N GLU A 53 2.43 11.84 -22.95
CA GLU A 53 2.36 13.25 -22.49
C GLU A 53 0.90 13.69 -22.24
N GLN A 54 -0.02 13.16 -23.03
CA GLN A 54 -1.48 13.30 -22.83
C GLN A 54 -1.95 13.17 -21.39
N GLU A 55 -1.30 12.30 -20.63
CA GLU A 55 -1.76 11.92 -19.30
C GLU A 55 -1.27 12.97 -18.29
N GLY A 56 -2.23 13.54 -17.55
CA GLY A 56 -1.98 14.70 -16.68
C GLY A 56 -1.20 14.33 -15.45
N PRO A 57 -0.77 15.34 -14.67
CA PRO A 57 0.19 15.14 -13.56
C PRO A 57 -0.25 14.06 -12.56
N GLU A 58 -1.55 13.93 -12.35
CA GLU A 58 -2.16 12.76 -11.68
C GLU A 58 -1.48 11.43 -12.04
N TYR A 59 -1.28 11.18 -13.34
CA TYR A 59 -0.58 9.99 -13.84
C TYR A 59 0.86 10.02 -13.36
N TRP A 60 1.52 11.15 -13.64
CA TRP A 60 2.95 11.32 -13.41
C TRP A 60 3.38 11.25 -11.95
N ASP A 61 2.77 12.06 -11.10
CA ASP A 61 3.09 12.04 -9.67
C ASP A 61 2.96 10.60 -9.10
N GLY A 62 1.84 9.95 -9.38
CA GLY A 62 1.61 8.55 -9.00
C GLY A 62 2.66 7.58 -9.52
N GLU A 63 3.17 7.85 -10.71
CA GLU A 63 4.30 7.09 -11.24
C GLU A 63 5.64 7.46 -10.60
N THR A 64 5.87 8.75 -10.39
CA THR A 64 7.08 9.24 -9.73
C THR A 64 7.25 8.56 -8.37
N ARG A 65 6.22 8.62 -7.52
CA ARG A 65 6.35 8.04 -6.19
C ARG A 65 6.52 6.53 -6.26
N LYS A 66 5.70 5.87 -7.09
CA LYS A 66 5.82 4.42 -7.31
C LYS A 66 7.25 3.97 -7.63
N VAL A 67 7.94 4.76 -8.46
CA VAL A 67 9.33 4.47 -8.85
C VAL A 67 10.28 4.83 -7.71
N LYS A 68 10.01 5.93 -7.01
CA LYS A 68 10.80 6.32 -5.83
C LYS A 68 10.84 5.18 -4.83
N ALA A 69 9.69 4.51 -4.67
CA ALA A 69 9.55 3.38 -3.77
C ALA A 69 10.26 2.12 -4.26
N HIS A 70 10.24 1.89 -5.58
CA HIS A 70 11.06 0.82 -6.18
C HIS A 70 12.54 0.99 -5.83
N SER A 71 13.06 2.19 -6.06
CA SER A 71 14.45 2.55 -5.73
C SER A 71 14.75 2.36 -4.25
N GLN A 72 13.81 2.77 -3.41
CA GLN A 72 13.90 2.59 -1.97
C GLN A 72 13.93 1.12 -1.54
N THR A 73 13.24 0.24 -2.29
CA THR A 73 13.39 -1.21 -2.08
C THR A 73 14.83 -1.61 -2.39
N HIS A 74 15.26 -1.41 -3.64
CA HIS A 74 16.62 -1.80 -4.05
C HIS A 74 17.69 -1.23 -3.13
N ARG A 75 17.46 0.00 -2.66
CA ARG A 75 18.36 0.65 -1.73
C ARG A 75 18.67 -0.27 -0.58
N VAL A 76 17.62 -0.84 0.00
CA VAL A 76 17.75 -1.78 1.11
C VAL A 76 18.30 -3.12 0.62
N ASP A 77 17.76 -3.64 -0.47
CA ASP A 77 18.14 -4.96 -1.01
C ASP A 77 19.65 -5.05 -1.16
N LEU A 78 20.25 -4.07 -1.84
CA LEU A 78 21.70 -3.96 -1.89
C LEU A 78 22.29 -4.15 -0.49
N GLY A 79 21.74 -3.48 0.50
CA GLY A 79 22.17 -3.64 1.88
C GLY A 79 22.06 -5.06 2.36
N THR A 80 20.90 -5.67 2.10
CA THR A 80 20.60 -7.03 2.53
C THR A 80 21.46 -8.07 1.86
N LEU A 81 21.62 -7.94 0.55
CA LEU A 81 22.37 -8.90 -0.27
C LEU A 81 23.86 -8.87 0.04
N ARG A 82 24.41 -7.67 0.23
CA ARG A 82 25.76 -7.53 0.80
C ARG A 82 25.83 -8.32 2.08
N GLY A 83 24.79 -8.18 2.89
CA GLY A 83 24.59 -9.01 4.06
C GLY A 83 24.70 -10.48 3.72
N TYR A 84 23.70 -10.98 2.98
CA TYR A 84 23.60 -12.41 2.61
C TYR A 84 24.89 -13.03 2.05
N TYR A 85 25.59 -12.29 1.21
CA TYR A 85 26.78 -12.81 0.52
C TYR A 85 28.09 -12.50 1.27
N ASN A 86 27.98 -11.87 2.43
CA ASN A 86 29.13 -11.46 3.25
C ASN A 86 30.17 -10.63 2.49
N GLN A 87 29.73 -9.82 1.52
CA GLN A 87 30.65 -9.05 0.67
C GLN A 87 31.09 -7.78 1.40
N SER A 88 32.05 -7.09 0.80
CA SER A 88 32.67 -5.93 1.42
C SER A 88 31.93 -4.63 1.14
N GLU A 89 31.99 -3.72 2.12
CA GLU A 89 31.50 -2.33 1.99
C GLU A 89 32.13 -1.62 0.79
N ALA A 90 33.39 -1.96 0.50
CA ALA A 90 34.14 -1.40 -0.64
C ALA A 90 33.55 -1.68 -2.01
N GLY A 91 33.10 -2.92 -2.22
CA GLY A 91 32.51 -3.34 -3.50
C GLY A 91 31.21 -2.66 -3.91
N SER A 92 31.14 -2.32 -5.20
CA SER A 92 29.91 -1.91 -5.89
C SER A 92 29.22 -3.15 -6.36
N HIS A 93 27.89 -3.15 -6.32
CA HIS A 93 27.07 -4.31 -6.71
C HIS A 93 25.78 -3.84 -7.40
N THR A 94 25.11 -4.77 -8.07
CA THR A 94 24.00 -4.44 -8.96
C THR A 94 22.77 -5.30 -8.69
N VAL A 95 21.61 -4.68 -8.64
CA VAL A 95 20.36 -5.43 -8.71
C VAL A 95 19.61 -4.99 -9.96
N GLN A 96 19.06 -5.94 -10.68
CA GLN A 96 18.12 -5.64 -11.73
C GLN A 96 16.83 -6.35 -11.41
N ARG A 97 15.71 -5.64 -11.48
CA ARG A 97 14.37 -6.23 -11.42
C ARG A 97 13.76 -6.02 -12.77
N MET A 98 12.86 -6.91 -13.14
CA MET A 98 12.21 -6.82 -14.44
C MET A 98 10.86 -7.53 -14.37
N TYR A 99 9.78 -6.75 -14.54
CA TYR A 99 8.43 -7.28 -14.69
C TYR A 99 7.67 -6.65 -15.84
N GLY A 100 6.72 -7.41 -16.38
CA GLY A 100 5.91 -6.96 -17.50
C GLY A 100 4.90 -8.01 -17.92
N CYS A 101 3.98 -7.63 -18.79
CA CYS A 101 2.99 -8.54 -19.33
C CYS A 101 3.18 -8.74 -20.83
N ASP A 102 2.53 -9.79 -21.33
CA ASP A 102 2.46 -10.10 -22.75
C ASP A 102 1.01 -10.36 -23.14
N VAL A 103 0.60 -9.76 -24.27
CA VAL A 103 -0.76 -9.92 -24.78
C VAL A 103 -0.68 -10.31 -26.26
N GLY A 104 -1.49 -11.29 -26.67
CA GLY A 104 -1.50 -11.78 -28.05
C GLY A 104 -2.16 -10.82 -29.03
N SER A 105 -2.28 -11.26 -30.29
CA SER A 105 -2.95 -10.49 -31.34
C SER A 105 -4.34 -10.00 -30.93
N ASP A 106 -5.10 -10.89 -30.28
CA ASP A 106 -6.41 -10.56 -29.72
C ASP A 106 -6.38 -9.61 -28.51
N TRP A 107 -5.19 -9.25 -28.02
CA TRP A 107 -4.99 -8.25 -26.95
C TRP A 107 -5.34 -8.75 -25.56
N ARG A 108 -5.27 -10.06 -25.34
CA ARG A 108 -5.63 -10.65 -24.03
C ARG A 108 -4.50 -11.50 -23.45
N PHE A 109 -4.50 -11.64 -22.13
CA PHE A 109 -3.36 -12.14 -21.35
C PHE A 109 -2.81 -13.50 -21.78
N LEU A 110 -1.49 -13.60 -21.87
CA LEU A 110 -0.79 -14.86 -22.13
C LEU A 110 0.28 -15.12 -21.09
N ARG A 111 1.25 -14.21 -20.99
CA ARG A 111 2.40 -14.38 -20.11
C ARG A 111 2.60 -13.12 -19.24
N GLY A 112 2.89 -13.36 -17.97
CA GLY A 112 3.46 -12.35 -17.07
C GLY A 112 4.79 -12.88 -16.58
N TYR A 113 5.60 -12.00 -15.97
CA TYR A 113 6.91 -12.40 -15.45
C TYR A 113 7.48 -11.36 -14.51
N HIS A 114 8.29 -11.82 -13.56
CA HIS A 114 9.01 -10.94 -12.63
C HIS A 114 10.41 -11.50 -12.38
N GLN A 115 11.31 -11.29 -13.33
CA GLN A 115 12.69 -11.76 -13.19
C GLN A 115 13.44 -10.79 -12.25
N TYR A 116 14.28 -11.32 -11.35
CA TYR A 116 15.13 -10.51 -10.45
C TYR A 116 16.56 -11.09 -10.47
N ALA A 117 17.54 -10.23 -10.24
CA ALA A 117 18.95 -10.65 -10.34
C ALA A 117 19.91 -9.72 -9.59
N TYR A 118 20.89 -10.34 -8.94
CA TYR A 118 21.96 -9.65 -8.23
C TYR A 118 23.25 -9.89 -8.99
N ASP A 119 23.95 -8.82 -9.36
CA ASP A 119 25.25 -8.89 -10.04
C ASP A 119 25.22 -9.78 -11.28
N GLY A 120 24.16 -9.65 -12.08
CA GLY A 120 24.08 -10.38 -13.35
C GLY A 120 23.50 -11.78 -13.29
N LYS A 121 23.65 -12.48 -12.15
CA LYS A 121 23.11 -13.84 -11.99
C LYS A 121 21.64 -13.79 -11.57
N ASP A 122 20.85 -14.76 -12.04
CA ASP A 122 19.47 -14.93 -11.57
C ASP A 122 19.51 -15.15 -10.07
N TYR A 123 18.53 -14.59 -9.38
CA TYR A 123 18.49 -14.64 -7.92
C TYR A 123 17.15 -15.23 -7.50
N ILE A 124 16.06 -14.52 -7.81
CA ILE A 124 14.70 -15.05 -7.67
C ILE A 124 13.88 -14.66 -8.90
N ALA A 125 12.83 -15.42 -9.19
CA ALA A 125 11.88 -15.04 -10.21
C ALA A 125 10.52 -15.69 -9.98
N LEU A 126 9.46 -14.95 -10.33
CA LEU A 126 8.11 -15.44 -10.35
C LEU A 126 8.01 -16.39 -11.54
N LYS A 127 7.56 -17.62 -11.28
CA LYS A 127 7.49 -18.67 -12.30
C LYS A 127 6.31 -18.40 -13.25
N GLU A 128 6.24 -19.12 -14.36
CA GLU A 128 5.24 -18.86 -15.40
C GLU A 128 3.76 -18.99 -14.95
N ASP A 129 3.51 -19.81 -13.94
CA ASP A 129 2.17 -19.96 -13.35
C ASP A 129 1.67 -18.80 -12.44
N LEU A 130 2.50 -17.75 -12.29
CA LEU A 130 2.22 -16.62 -11.40
C LEU A 130 1.81 -17.01 -9.97
N ARG A 131 2.42 -18.09 -9.46
CA ARG A 131 2.06 -18.65 -8.16
C ARG A 131 3.26 -19.12 -7.34
N SER A 132 4.12 -19.94 -7.94
CA SER A 132 5.36 -20.41 -7.29
C SER A 132 6.52 -19.41 -7.47
N TRP A 133 7.63 -19.68 -6.78
CA TRP A 133 8.87 -18.89 -6.89
C TRP A 133 10.05 -19.81 -7.23
N THR A 134 10.90 -19.40 -8.18
CA THR A 134 12.20 -20.08 -8.45
C THR A 134 13.35 -19.22 -7.93
N ALA A 135 14.43 -19.84 -7.45
CA ALA A 135 15.56 -19.08 -6.90
C ALA A 135 16.90 -19.84 -6.87
N ALA A 136 17.91 -19.28 -7.53
CA ALA A 136 19.17 -20.01 -7.82
C ALA A 136 20.12 -20.25 -6.63
N ASP A 137 19.89 -19.58 -5.49
CA ASP A 137 20.77 -19.69 -4.32
C ASP A 137 20.00 -20.09 -3.07
N MET A 138 20.73 -20.57 -2.06
CA MET A 138 20.15 -20.83 -0.73
C MET A 138 19.89 -19.48 -0.04
N ALA A 139 20.78 -18.52 -0.33
CA ALA A 139 20.58 -17.12 0.02
C ALA A 139 19.23 -16.63 -0.45
N ALA A 140 18.96 -16.81 -1.73
CA ALA A 140 17.71 -16.40 -2.35
C ALA A 140 16.52 -17.19 -1.86
N GLN A 141 16.73 -18.41 -1.36
CA GLN A 141 15.66 -19.14 -0.68
C GLN A 141 15.18 -18.38 0.56
N THR A 142 16.09 -17.75 1.30
CA THR A 142 15.71 -16.86 2.41
C THR A 142 14.75 -15.78 1.93
N THR A 143 15.03 -15.20 0.76
CA THR A 143 14.15 -14.22 0.10
C THR A 143 12.87 -14.86 -0.39
N LYS A 144 12.98 -16.08 -0.93
CA LYS A 144 11.83 -16.86 -1.45
C LYS A 144 10.80 -17.16 -0.38
N HIS A 145 11.26 -17.61 0.80
CA HIS A 145 10.38 -17.82 1.97
C HIS A 145 9.76 -16.51 2.39
N LYS A 146 10.60 -15.48 2.47
CA LYS A 146 10.15 -14.14 2.83
C LYS A 146 9.00 -13.76 1.92
N TRP A 147 9.20 -13.93 0.62
CA TRP A 147 8.20 -13.58 -0.40
C TRP A 147 7.00 -14.56 -0.42
N GLU A 148 7.21 -15.81 0.02
CA GLU A 148 6.08 -16.75 0.24
C GLU A 148 5.17 -16.29 1.39
N ALA A 149 5.74 -16.18 2.59
CA ALA A 149 5.02 -15.69 3.77
C ALA A 149 4.22 -14.39 3.51
N ALA A 150 4.82 -13.45 2.79
CA ALA A 150 4.20 -12.15 2.55
C ALA A 150 3.07 -12.18 1.53
N HIS A 151 3.02 -13.24 0.71
CA HIS A 151 2.06 -13.38 -0.42
C HIS A 151 2.22 -12.26 -1.44
N VAL A 152 3.45 -12.17 -1.94
CA VAL A 152 3.82 -11.22 -2.97
C VAL A 152 3.17 -11.72 -4.24
N ALA A 153 3.32 -13.02 -4.48
CA ALA A 153 2.74 -13.69 -5.66
C ALA A 153 1.29 -13.32 -5.93
N GLU A 154 0.50 -13.18 -4.86
CA GLU A 154 -0.89 -12.69 -4.97
C GLU A 154 -0.95 -11.28 -5.55
N GLN A 155 -0.45 -10.30 -4.78
CA GLN A 155 -0.35 -8.90 -5.25
C GLN A 155 0.17 -8.80 -6.71
N LEU A 156 1.29 -9.49 -6.94
CA LEU A 156 2.04 -9.43 -8.21
C LEU A 156 1.25 -10.05 -9.38
N ARG A 157 0.60 -11.19 -9.14
CA ARG A 157 -0.23 -11.85 -10.18
C ARG A 157 -1.39 -10.95 -10.65
N ALA A 158 -2.02 -10.26 -9.70
CA ALA A 158 -3.15 -9.39 -10.00
C ALA A 158 -2.72 -8.11 -10.73
N TYR A 159 -1.47 -7.72 -10.53
CA TYR A 159 -0.89 -6.67 -11.37
C TYR A 159 -0.71 -7.19 -12.80
N LEU A 160 0.01 -8.32 -12.93
CA LEU A 160 0.46 -8.82 -14.24
C LEU A 160 -0.69 -9.25 -15.16
N GLU A 161 -1.64 -9.99 -14.60
CA GLU A 161 -2.88 -10.34 -15.31
C GLU A 161 -3.70 -9.08 -15.50
N GLY A 162 -3.97 -8.38 -14.41
CA GLY A 162 -4.94 -7.28 -14.40
C GLY A 162 -4.42 -5.91 -14.82
N THR A 163 -3.81 -5.21 -13.87
CA THR A 163 -3.40 -3.80 -14.03
C THR A 163 -2.54 -3.58 -15.28
N CYS A 164 -1.56 -4.47 -15.47
CA CYS A 164 -0.63 -4.40 -16.60
C CYS A 164 -1.33 -4.39 -17.98
N VAL A 165 -2.24 -5.34 -18.22
CA VAL A 165 -2.81 -5.55 -19.58
C VAL A 165 -3.80 -4.44 -19.97
N GLU A 166 -4.60 -4.00 -19.01
CA GLU A 166 -5.52 -2.89 -19.24
C GLU A 166 -4.75 -1.58 -19.49
N TRP A 167 -3.60 -1.43 -18.85
CA TRP A 167 -2.71 -0.28 -19.11
C TRP A 167 -1.89 -0.42 -20.40
N LEU A 168 -1.57 -1.66 -20.78
CA LEU A 168 -0.94 -1.94 -22.05
C LEU A 168 -1.85 -1.51 -23.22
N ARG A 169 -3.11 -1.89 -23.11
CA ARG A 169 -4.10 -1.56 -24.13
C ARG A 169 -4.41 -0.07 -24.19
N ARG A 170 -4.35 0.60 -23.04
CA ARG A 170 -4.56 2.06 -23.01
C ARG A 170 -3.50 2.79 -23.81
N TYR A 171 -2.29 2.23 -23.79
CA TYR A 171 -1.16 2.78 -24.52
C TYR A 171 -1.18 2.42 -26.02
N LEU A 172 -1.61 1.20 -26.33
CA LEU A 172 -1.72 0.76 -27.74
C LEU A 172 -2.81 1.50 -28.55
N GLU A 173 -3.75 2.15 -27.85
CA GLU A 173 -4.77 3.02 -28.47
C GLU A 173 -4.32 4.48 -28.58
N ASN A 174 -3.64 4.98 -27.54
CA ASN A 174 -3.14 6.36 -27.50
C ASN A 174 -2.21 6.65 -28.66
N GLY A 175 -1.12 5.88 -28.75
CA GLY A 175 -0.13 6.05 -29.80
C GLY A 175 -0.19 4.95 -30.84
N LYS A 176 -1.39 4.63 -31.33
CA LYS A 176 -1.55 3.57 -32.34
C LYS A 176 -0.81 3.87 -33.65
N GLU A 177 -0.72 5.14 -34.03
CA GLU A 177 0.12 5.56 -35.18
C GLU A 177 1.62 5.31 -34.94
N THR A 178 2.08 5.51 -33.72
CA THR A 178 3.46 5.22 -33.33
C THR A 178 3.68 3.72 -33.21
N LEU A 179 2.78 3.05 -32.49
CA LEU A 179 3.02 1.69 -31.98
C LEU A 179 2.47 0.57 -32.87
N GLN A 180 1.22 0.68 -33.28
CA GLN A 180 0.58 -0.39 -34.09
C GLN A 180 1.07 -0.46 -35.54
N ARG A 181 1.49 0.68 -36.10
CA ARG A 181 2.19 0.76 -37.40
C ARG A 181 3.30 -0.28 -37.54
N THR A 182 3.48 -0.77 -38.76
CA THR A 182 4.59 -1.67 -39.10
C THR A 182 5.37 -1.03 -40.26
N ASP A 183 6.58 -0.57 -39.97
CA ASP A 183 7.52 -0.10 -41.00
C ASP A 183 8.22 -1.31 -41.60
N ALA A 184 8.34 -1.33 -42.93
CA ALA A 184 8.83 -2.51 -43.65
C ALA A 184 10.34 -2.40 -43.90
N PRO A 185 11.06 -3.56 -43.95
CA PRO A 185 12.50 -3.53 -44.24
C PRO A 185 12.86 -2.92 -45.59
N LYS A 186 14.07 -2.39 -45.70
CA LYS A 186 14.56 -1.77 -46.92
C LYS A 186 15.95 -2.34 -47.22
N THR A 187 15.96 -3.52 -47.84
CA THR A 187 17.16 -4.32 -47.98
C THR A 187 18.01 -3.98 -49.21
N HIS A 188 19.29 -4.37 -49.15
CA HIS A 188 20.20 -4.34 -50.31
C HIS A 188 21.44 -5.21 -49.99
N MET A 189 22.45 -5.21 -50.86
CA MET A 189 23.70 -5.93 -50.60
C MET A 189 24.95 -5.10 -50.88
N THR A 190 25.81 -4.98 -49.87
CA THR A 190 27.15 -4.44 -50.05
C THR A 190 28.09 -5.63 -50.21
N HIS A 191 28.60 -5.82 -51.42
CA HIS A 191 29.59 -6.87 -51.72
C HIS A 191 30.98 -6.27 -51.85
N HIS A 192 31.92 -6.79 -51.08
CA HIS A 192 33.32 -6.34 -51.09
C HIS A 192 34.25 -7.56 -51.18
N ALA A 193 35.49 -7.34 -51.64
CA ALA A 193 36.48 -8.41 -51.83
C ALA A 193 37.44 -8.53 -50.64
N VAL A 194 37.67 -9.76 -50.15
CA VAL A 194 38.73 -10.05 -49.15
C VAL A 194 40.05 -10.50 -49.79
N SER A 195 39.98 -11.16 -50.95
CA SER A 195 41.17 -11.60 -51.70
C SER A 195 40.90 -11.59 -53.23
N ASP A 196 41.77 -12.25 -54.00
CA ASP A 196 41.58 -12.40 -55.46
C ASP A 196 40.44 -13.37 -55.83
N HIS A 197 40.33 -14.48 -55.10
CA HIS A 197 39.37 -15.56 -55.38
C HIS A 197 38.22 -15.64 -54.34
N GLU A 198 38.00 -14.55 -53.61
CA GLU A 198 37.06 -14.54 -52.47
C GLU A 198 36.38 -13.17 -52.30
N ALA A 199 35.18 -13.18 -51.73
CA ALA A 199 34.41 -11.95 -51.52
C ALA A 199 33.29 -12.11 -50.48
N THR A 200 32.92 -10.97 -49.89
CA THR A 200 31.92 -10.89 -48.82
C THR A 200 30.55 -10.51 -49.39
N LEU A 201 29.49 -10.91 -48.69
CA LEU A 201 28.12 -10.52 -49.02
C LEU A 201 27.31 -10.21 -47.75
N ARG A 202 27.09 -8.92 -47.49
CA ARG A 202 26.22 -8.46 -46.42
C ARG A 202 24.82 -8.25 -46.99
N CYS A 203 23.83 -8.93 -46.42
CA CYS A 203 22.43 -8.70 -46.76
C CYS A 203 21.79 -7.75 -45.76
N TRP A 204 21.75 -6.47 -46.11
CA TRP A 204 21.25 -5.41 -45.23
C TRP A 204 19.73 -5.41 -45.11
N ALA A 205 19.25 -4.65 -44.13
CA ALA A 205 17.81 -4.50 -43.86
C ALA A 205 17.59 -3.32 -42.91
N LEU A 206 17.29 -2.15 -43.46
CA LEU A 206 17.21 -0.91 -42.69
C LEU A 206 15.76 -0.51 -42.39
N SER A 207 15.65 0.50 -41.54
CA SER A 207 14.45 1.33 -41.41
C SER A 207 13.17 0.57 -41.07
N PHE A 208 13.31 -0.54 -40.35
CA PHE A 208 12.17 -1.43 -40.05
C PHE A 208 11.73 -1.37 -38.58
N TYR A 209 10.52 -1.91 -38.33
CA TYR A 209 9.91 -1.99 -37.00
C TYR A 209 8.85 -3.12 -37.02
N PRO A 210 8.71 -3.91 -35.95
CA PRO A 210 9.57 -3.91 -34.77
C PRO A 210 10.87 -4.70 -35.01
N ALA A 211 11.72 -4.77 -33.99
CA ALA A 211 13.06 -5.35 -34.11
C ALA A 211 13.10 -6.85 -34.43
N GLU A 212 11.97 -7.55 -34.26
CA GLU A 212 11.86 -8.95 -34.67
C GLU A 212 12.17 -9.05 -36.15
N ILE A 213 13.07 -9.95 -36.51
CA ILE A 213 13.52 -10.17 -37.90
C ILE A 213 14.41 -11.42 -37.92
N THR A 214 14.36 -12.19 -39.01
CA THR A 214 15.27 -13.33 -39.22
C THR A 214 15.82 -13.33 -40.64
N LEU A 215 17.10 -12.98 -40.78
CA LEU A 215 17.82 -13.06 -42.05
C LEU A 215 18.76 -14.25 -41.99
N THR A 216 18.57 -15.23 -42.88
CA THR A 216 19.52 -16.35 -43.06
C THR A 216 19.93 -16.48 -44.52
N TRP A 217 21.18 -16.94 -44.73
CA TRP A 217 21.73 -17.17 -46.05
C TRP A 217 21.45 -18.60 -46.49
N GLN A 218 21.07 -18.73 -47.77
CA GLN A 218 20.75 -20.01 -48.39
C GLN A 218 21.54 -20.11 -49.71
N ARG A 219 22.45 -21.08 -49.80
CA ARG A 219 23.13 -21.35 -51.09
C ARG A 219 22.14 -22.11 -51.98
N ASP A 220 21.36 -21.33 -52.73
CA ASP A 220 20.25 -21.82 -53.57
C ASP A 220 19.45 -22.98 -52.94
N GLY A 221 18.96 -22.75 -51.73
CA GLY A 221 18.20 -23.76 -50.95
C GLY A 221 18.92 -24.35 -49.75
N GLU A 222 20.24 -24.48 -49.82
CA GLU A 222 21.07 -25.09 -48.76
C GLU A 222 21.27 -24.14 -47.56
N ASP A 223 20.79 -24.55 -46.38
CA ASP A 223 20.82 -23.72 -45.15
C ASP A 223 22.26 -23.42 -44.69
N GLN A 224 22.88 -22.41 -45.29
CA GLN A 224 24.25 -22.01 -44.97
C GLN A 224 24.29 -21.23 -43.63
N THR A 225 24.81 -21.89 -42.59
CA THR A 225 25.03 -21.25 -41.28
C THR A 225 26.30 -21.80 -40.58
N GLN A 226 27.40 -21.76 -41.33
CA GLN A 226 28.75 -21.97 -40.81
C GLN A 226 29.64 -20.80 -41.23
N ASP A 227 29.70 -20.54 -42.54
CA ASP A 227 30.45 -19.40 -43.10
C ASP A 227 29.79 -18.02 -42.83
N THR A 228 28.54 -18.00 -42.36
CA THR A 228 27.84 -16.74 -42.08
C THR A 228 28.31 -16.02 -40.81
N GLU A 229 28.04 -14.72 -40.78
CA GLU A 229 28.23 -13.86 -39.60
C GLU A 229 27.01 -12.93 -39.50
N LEU A 230 26.31 -12.97 -38.37
CA LEU A 230 25.04 -12.25 -38.18
C LEU A 230 25.12 -11.35 -36.95
N VAL A 231 25.27 -10.03 -37.16
CA VAL A 231 25.36 -9.06 -36.05
C VAL A 231 24.01 -8.77 -35.43
N GLU A 232 24.04 -8.43 -34.14
CA GLU A 232 22.80 -8.19 -33.38
C GLU A 232 22.12 -6.91 -33.85
N THR A 233 20.83 -6.85 -33.58
CA THR A 233 19.95 -5.88 -34.19
C THR A 233 20.20 -4.47 -33.67
N ARG A 234 20.72 -3.60 -34.53
CA ARG A 234 20.96 -2.22 -34.14
C ARG A 234 19.61 -1.50 -34.00
N PRO A 235 19.46 -0.59 -33.02
CA PRO A 235 18.44 0.45 -33.08
C PRO A 235 18.96 1.66 -33.85
N ALA A 236 18.16 2.17 -34.78
CA ALA A 236 18.62 3.23 -35.69
C ALA A 236 18.72 4.59 -34.99
N GLY A 237 17.92 4.78 -33.93
CA GLY A 237 17.83 6.08 -33.24
C GLY A 237 16.59 6.78 -33.75
N ASP A 238 16.47 6.80 -35.06
CA ASP A 238 15.24 7.02 -35.85
C ASP A 238 13.95 6.64 -35.12
N GLY A 239 13.90 5.43 -34.58
CA GLY A 239 12.66 4.83 -34.07
C GLY A 239 12.56 3.46 -34.69
N THR A 240 12.95 3.39 -35.97
CA THR A 240 13.18 2.14 -36.69
C THR A 240 14.47 1.46 -36.23
N PHE A 241 14.68 0.24 -36.73
CA PHE A 241 15.86 -0.57 -36.47
C PHE A 241 16.67 -0.87 -37.75
N GLN A 242 17.80 -1.57 -37.55
CA GLN A 242 18.68 -2.04 -38.63
C GLN A 242 19.17 -3.45 -38.32
N LYS A 243 19.56 -4.18 -39.37
CA LYS A 243 20.26 -5.48 -39.24
C LYS A 243 20.84 -5.91 -40.59
N TRP A 244 22.03 -6.52 -40.56
CA TRP A 244 22.56 -7.24 -41.71
C TRP A 244 23.11 -8.60 -41.28
N VAL A 245 23.23 -9.50 -42.26
CA VAL A 245 23.91 -10.77 -42.05
C VAL A 245 24.94 -10.93 -43.17
N ALA A 246 26.19 -11.20 -42.77
CA ALA A 246 27.30 -11.36 -43.70
C ALA A 246 27.58 -12.83 -43.97
N VAL A 247 28.26 -13.08 -45.08
CA VAL A 247 28.76 -14.39 -45.42
C VAL A 247 29.86 -14.24 -46.46
N VAL A 248 30.84 -15.14 -46.42
CA VAL A 248 31.93 -15.17 -47.40
C VAL A 248 31.71 -16.36 -48.33
N VAL A 249 32.09 -16.18 -49.60
CA VAL A 249 31.76 -17.13 -50.66
C VAL A 249 32.97 -17.45 -51.56
N PRO A 250 32.91 -18.57 -52.31
CA PRO A 250 33.88 -18.79 -53.37
C PRO A 250 33.58 -17.82 -54.51
N SER A 251 34.23 -16.65 -54.47
CA SER A 251 33.84 -15.50 -55.29
C SER A 251 34.23 -15.66 -56.75
N GLY A 252 33.62 -14.82 -57.58
CA GLY A 252 33.58 -15.02 -59.02
C GLY A 252 32.24 -15.64 -59.32
N GLN A 253 32.02 -16.83 -58.78
CA GLN A 253 30.71 -17.48 -58.76
C GLN A 253 29.85 -16.78 -57.69
N GLU A 254 29.33 -15.60 -58.04
CA GLU A 254 28.64 -14.70 -57.12
C GLU A 254 27.12 -14.86 -57.20
N GLN A 255 26.57 -14.66 -58.40
CA GLN A 255 25.11 -14.62 -58.63
C GLN A 255 24.50 -16.03 -58.54
N ARG A 256 24.52 -16.59 -57.32
CA ARG A 256 24.11 -17.98 -57.03
C ARG A 256 23.31 -18.14 -55.72
N TYR A 257 23.63 -17.35 -54.69
CA TYR A 257 23.18 -17.56 -53.30
C TYR A 257 22.00 -16.65 -52.98
N THR A 258 21.24 -17.01 -51.94
CA THR A 258 19.98 -16.31 -51.59
C THR A 258 19.93 -15.83 -50.13
N CYS A 259 19.44 -14.60 -49.94
CA CYS A 259 19.20 -14.02 -48.61
C CYS A 259 17.70 -14.10 -48.24
N HIS A 260 17.39 -14.91 -47.24
CA HIS A 260 16.00 -15.14 -46.82
C HIS A 260 15.57 -14.17 -45.72
N VAL A 261 14.72 -13.20 -46.09
CA VAL A 261 14.14 -12.22 -45.16
C VAL A 261 12.99 -12.89 -44.40
N GLN A 262 12.65 -12.36 -43.23
CA GLN A 262 11.47 -12.82 -42.47
C GLN A 262 10.93 -11.70 -41.55
N HIS A 263 9.76 -11.15 -41.88
CA HIS A 263 9.17 -10.06 -41.08
C HIS A 263 7.64 -9.93 -41.23
N GLU A 264 6.98 -9.44 -40.17
CA GLU A 264 5.55 -9.13 -40.22
C GLU A 264 5.25 -7.73 -40.77
N GLY A 265 6.27 -6.91 -40.93
CA GLY A 265 6.16 -5.68 -41.71
C GLY A 265 5.94 -5.93 -43.20
N LEU A 266 6.45 -7.05 -43.70
CA LEU A 266 6.32 -7.47 -45.11
C LEU A 266 5.44 -8.73 -45.17
N PRO A 267 4.18 -8.61 -45.68
CA PRO A 267 3.20 -9.71 -45.65
C PRO A 267 3.75 -11.14 -45.79
N LYS A 268 4.40 -11.44 -46.92
CA LYS A 268 5.01 -12.76 -47.14
C LYS A 268 6.50 -12.52 -47.49
N PRO A 269 7.43 -13.37 -46.96
CA PRO A 269 8.90 -13.23 -47.05
C PRO A 269 9.56 -12.82 -48.39
N LEU A 270 10.89 -12.69 -48.35
CA LEU A 270 11.68 -12.31 -49.53
C LEU A 270 12.93 -13.18 -49.74
N THR A 271 13.47 -13.06 -50.95
CA THR A 271 14.72 -13.70 -51.36
C THR A 271 15.42 -12.77 -52.36
N LEU A 272 16.74 -12.61 -52.21
CA LEU A 272 17.53 -11.70 -53.05
C LEU A 272 18.83 -12.35 -53.51
N ARG A 273 19.26 -11.99 -54.74
CA ARG A 273 20.53 -12.41 -55.31
C ARG A 273 21.18 -11.21 -56.01
N TRP A 274 22.46 -11.33 -56.37
CA TRP A 274 23.26 -10.18 -56.82
C TRP A 274 22.85 -9.65 -58.20
N GLU A 275 22.84 -8.31 -58.34
CA GLU A 275 22.49 -7.66 -59.60
C GLU A 275 23.63 -7.77 -60.61
N MET B 1 30.59 -11.78 -9.05
CA MET B 1 30.86 -10.49 -9.75
C MET B 1 31.44 -10.72 -11.15
N ILE B 2 30.56 -10.69 -12.14
CA ILE B 2 30.75 -11.41 -13.39
C ILE B 2 30.86 -10.44 -14.55
N GLN B 3 32.03 -10.36 -15.16
CA GLN B 3 32.29 -9.37 -16.19
C GLN B 3 31.86 -9.90 -17.57
N ARG B 4 31.18 -9.06 -18.36
CA ARG B 4 30.90 -9.37 -19.75
C ARG B 4 31.35 -8.17 -20.59
N THR B 5 32.29 -8.40 -21.50
CA THR B 5 32.95 -7.32 -22.21
C THR B 5 32.06 -6.80 -23.34
N PRO B 6 32.03 -5.48 -23.58
CA PRO B 6 30.95 -4.94 -24.42
C PRO B 6 31.09 -5.25 -25.89
N LYS B 7 29.96 -5.23 -26.60
CA LYS B 7 29.88 -5.42 -28.03
C LYS B 7 29.43 -4.09 -28.66
N ILE B 8 30.33 -3.48 -29.44
CA ILE B 8 30.19 -2.12 -29.93
C ILE B 8 29.85 -2.22 -31.40
N GLN B 9 28.91 -1.39 -31.87
CA GLN B 9 28.52 -1.29 -33.29
C GLN B 9 28.41 0.19 -33.69
N VAL B 10 29.26 0.65 -34.60
CA VAL B 10 29.25 2.04 -35.04
C VAL B 10 28.68 2.14 -36.45
N TYR B 11 27.63 2.95 -36.60
CA TYR B 11 26.91 3.09 -37.86
C TYR B 11 26.18 4.42 -37.91
N SER B 12 25.76 4.81 -39.10
CA SER B 12 24.90 5.99 -39.24
C SER B 12 23.44 5.55 -39.34
N ARG B 13 22.54 6.50 -39.09
CA ARG B 13 21.08 6.28 -39.09
C ARG B 13 20.59 5.84 -40.47
N HIS B 14 21.00 6.60 -41.48
CA HIS B 14 20.81 6.25 -42.89
C HIS B 14 22.20 6.06 -43.49
N PRO B 15 22.25 5.58 -44.75
CA PRO B 15 23.55 5.58 -45.42
C PRO B 15 24.07 7.01 -45.63
N ALA B 16 25.29 7.15 -46.07
CA ALA B 16 25.89 8.47 -46.18
C ALA B 16 26.04 8.94 -47.62
N GLU B 17 25.78 10.23 -47.78
CA GLU B 17 26.22 11.00 -48.91
C GLU B 17 27.14 12.02 -48.24
N ASN B 18 28.25 12.36 -48.91
CA ASN B 18 29.22 13.30 -48.34
C ASN B 18 28.62 14.69 -48.29
N GLY B 19 28.96 15.44 -47.25
CA GLY B 19 28.35 16.74 -46.95
C GLY B 19 26.89 16.67 -46.55
N LYS B 20 26.33 15.46 -46.41
CA LYS B 20 24.89 15.28 -46.32
C LYS B 20 24.57 14.72 -44.95
N SER B 21 23.81 15.49 -44.18
CA SER B 21 23.70 15.31 -42.73
C SER B 21 22.97 14.03 -42.35
N ASN B 22 23.38 13.51 -41.20
CA ASN B 22 23.07 12.15 -40.76
C ASN B 22 23.29 12.13 -39.25
N PHE B 23 22.96 11.02 -38.61
CA PHE B 23 23.37 10.80 -37.22
C PHE B 23 24.39 9.67 -37.19
N LEU B 24 25.36 9.80 -36.27
CA LEU B 24 26.35 8.76 -36.04
C LEU B 24 25.97 8.01 -34.75
N ASN B 25 25.56 6.75 -34.91
CA ASN B 25 25.19 5.88 -33.80
C ASN B 25 26.35 4.96 -33.38
N CYS B 26 26.64 4.93 -32.07
CA CYS B 26 27.44 3.86 -31.43
C CYS B 26 26.50 3.11 -30.50
N TYR B 27 26.51 1.78 -30.59
CA TYR B 27 25.58 0.92 -29.85
C TYR B 27 26.36 -0.11 -29.06
N VAL B 28 26.38 0.04 -27.74
CA VAL B 28 27.11 -0.87 -26.86
C VAL B 28 26.10 -1.78 -26.18
N SER B 29 26.50 -3.01 -25.93
CA SER B 29 25.57 -4.06 -25.54
C SER B 29 26.31 -5.25 -24.97
N GLY B 30 25.56 -6.20 -24.43
CA GLY B 30 26.13 -7.43 -23.86
C GLY B 30 27.12 -7.26 -22.71
N PHE B 31 27.07 -6.11 -22.03
CA PHE B 31 28.11 -5.78 -21.05
C PHE B 31 27.64 -5.82 -19.61
N HIS B 32 28.61 -5.81 -18.70
CA HIS B 32 28.36 -5.91 -17.28
C HIS B 32 29.73 -5.83 -16.61
N PRO B 33 29.92 -5.10 -15.52
CA PRO B 33 28.88 -4.33 -14.84
C PRO B 33 28.51 -3.00 -15.50
N SER B 34 27.55 -2.31 -14.88
CA SER B 34 27.01 -1.01 -15.32
C SER B 34 28.03 0.07 -15.74
N ASP B 35 29.10 0.17 -14.98
CA ASP B 35 30.06 1.26 -15.11
C ASP B 35 30.67 1.29 -16.51
N ILE B 36 30.41 2.37 -17.25
CA ILE B 36 30.91 2.53 -18.62
C ILE B 36 31.04 3.99 -19.05
N GLU B 37 32.02 4.28 -19.90
CA GLU B 37 32.23 5.61 -20.50
C GLU B 37 32.32 5.43 -22.02
N VAL B 38 31.56 6.22 -22.78
CA VAL B 38 31.49 6.11 -24.25
C VAL B 38 31.63 7.49 -24.87
N ASP B 39 32.66 7.71 -25.67
CA ASP B 39 32.76 8.93 -26.45
C ASP B 39 32.77 8.62 -27.92
N LEU B 40 32.20 9.52 -28.72
CA LEU B 40 32.35 9.45 -30.16
C LEU B 40 33.42 10.44 -30.53
N LEU B 41 34.32 10.01 -31.42
CA LEU B 41 35.39 10.86 -31.93
C LEU B 41 35.17 11.25 -33.40
N LYS B 42 35.65 12.46 -33.72
CA LYS B 42 35.81 12.94 -35.11
C LYS B 42 37.26 13.36 -35.24
N ASN B 43 37.98 12.74 -36.17
CA ASN B 43 39.43 12.95 -36.33
C ASN B 43 40.22 12.75 -35.01
N GLY B 44 39.86 11.69 -34.29
CA GLY B 44 40.48 11.37 -33.02
C GLY B 44 40.24 12.43 -31.96
N GLU B 45 39.10 13.09 -32.04
CA GLU B 45 38.83 14.25 -31.18
C GLU B 45 37.39 14.22 -30.65
N ARG B 46 37.25 14.57 -29.38
CA ARG B 46 36.08 14.23 -28.61
C ARG B 46 34.90 15.12 -28.95
N ILE B 47 33.86 14.52 -29.52
CA ILE B 47 32.61 15.22 -29.83
C ILE B 47 31.83 15.52 -28.53
N GLU B 48 31.43 16.78 -28.33
CA GLU B 48 30.81 17.24 -27.06
C GLU B 48 29.33 16.82 -27.03
N LYS B 49 28.62 17.12 -28.11
CA LYS B 49 27.15 17.04 -28.15
C LYS B 49 26.69 15.64 -28.51
N VAL B 50 26.78 14.72 -27.55
CA VAL B 50 26.37 13.33 -27.78
C VAL B 50 25.33 12.95 -26.74
N GLU B 51 24.14 12.58 -27.20
CA GLU B 51 23.10 12.03 -26.33
C GLU B 51 23.17 10.53 -26.35
N HIS B 52 22.53 9.93 -25.36
CA HIS B 52 22.53 8.49 -25.19
C HIS B 52 21.26 7.98 -24.52
N SER B 53 20.83 6.78 -24.92
CA SER B 53 19.65 6.14 -24.34
C SER B 53 19.78 5.88 -22.84
N ASP B 54 18.66 5.49 -22.23
CA ASP B 54 18.62 5.16 -20.81
C ASP B 54 19.06 3.71 -20.61
N LEU B 55 19.91 3.51 -19.59
CA LEU B 55 20.36 2.18 -19.26
C LEU B 55 19.20 1.19 -19.18
N SER B 56 19.19 0.25 -20.13
CA SER B 56 18.37 -0.97 -20.05
C SER B 56 19.28 -2.19 -20.14
N PHE B 57 18.68 -3.38 -20.02
CA PHE B 57 19.39 -4.65 -20.13
C PHE B 57 18.54 -5.68 -20.86
N SER B 58 19.21 -6.66 -21.47
CA SER B 58 18.53 -7.72 -22.21
C SER B 58 18.22 -8.91 -21.30
N LYS B 59 17.53 -9.91 -21.85
CA LYS B 59 17.11 -11.11 -21.12
C LYS B 59 18.16 -11.67 -20.16
N ASP B 60 19.36 -11.91 -20.67
CA ASP B 60 20.52 -12.34 -19.83
C ASP B 60 21.10 -11.25 -18.90
N TRP B 61 20.32 -10.21 -18.58
CA TRP B 61 20.73 -9.13 -17.67
C TRP B 61 21.81 -8.16 -18.20
N SER B 62 22.35 -8.42 -19.39
CA SER B 62 23.48 -7.65 -19.90
C SER B 62 22.98 -6.33 -20.44
N PHE B 63 23.73 -5.26 -20.18
CA PHE B 63 23.31 -3.91 -20.50
C PHE B 63 23.44 -3.56 -21.98
N TYR B 64 22.76 -2.47 -22.37
CA TYR B 64 22.86 -1.93 -23.73
C TYR B 64 22.41 -0.46 -23.83
N LEU B 65 23.33 0.40 -24.27
CA LEU B 65 23.04 1.83 -24.50
C LEU B 65 23.24 2.13 -25.98
N LEU B 66 22.72 3.27 -26.43
CA LEU B 66 22.99 3.78 -27.78
C LEU B 66 23.42 5.24 -27.67
N TYR B 67 24.67 5.51 -27.99
CA TYR B 67 25.16 6.87 -28.06
C TYR B 67 25.05 7.38 -29.49
N TYR B 68 24.21 8.38 -29.72
CA TYR B 68 24.08 9.00 -31.02
C TYR B 68 24.48 10.47 -30.96
N THR B 69 25.02 10.98 -32.06
CA THR B 69 25.17 12.43 -32.32
C THR B 69 24.99 12.72 -33.81
N GLU B 70 24.61 13.96 -34.12
CA GLU B 70 24.37 14.38 -35.50
C GLU B 70 25.72 14.60 -36.14
N PHE B 71 25.85 14.25 -37.42
CA PHE B 71 27.10 14.50 -38.14
C PHE B 71 26.89 14.58 -39.65
N THR B 72 27.82 15.26 -40.31
CA THR B 72 27.73 15.61 -41.72
C THR B 72 29.05 15.16 -42.40
N PRO B 73 29.16 13.86 -42.76
CA PRO B 73 30.46 13.26 -43.12
C PRO B 73 31.10 13.77 -44.41
N THR B 74 32.39 13.49 -44.56
CA THR B 74 33.13 13.75 -45.80
C THR B 74 34.10 12.59 -46.06
N GLU B 75 34.87 12.72 -47.14
CA GLU B 75 35.96 11.81 -47.47
C GLU B 75 37.06 11.89 -46.41
N LYS B 76 37.50 13.11 -46.09
CA LYS B 76 38.65 13.33 -45.19
C LYS B 76 38.44 12.88 -43.74
N ASP B 77 37.24 13.07 -43.19
CA ASP B 77 36.98 12.78 -41.79
C ASP B 77 36.87 11.27 -41.53
N GLU B 78 37.53 10.82 -40.46
CA GLU B 78 37.35 9.51 -39.87
C GLU B 78 36.55 9.71 -38.59
N TYR B 79 35.85 8.67 -38.15
CA TYR B 79 35.01 8.73 -36.94
C TYR B 79 35.09 7.46 -36.15
N ALA B 80 35.11 7.54 -34.82
CA ALA B 80 35.15 6.34 -34.00
C ALA B 80 34.20 6.40 -32.80
N CYS B 81 34.17 5.29 -32.04
CA CYS B 81 33.54 5.19 -30.72
C CYS B 81 34.55 4.63 -29.73
N ARG B 82 34.83 5.36 -28.65
CA ARG B 82 35.82 4.94 -27.64
C ARG B 82 35.08 4.55 -26.36
N VAL B 83 35.15 3.26 -26.03
CA VAL B 83 34.34 2.66 -24.98
C VAL B 83 35.27 2.18 -23.85
N ASN B 84 35.14 2.76 -22.66
CA ASN B 84 35.88 2.33 -21.46
C ASN B 84 35.00 1.48 -20.55
N HIS B 85 35.53 0.33 -20.16
CA HIS B 85 34.79 -0.64 -19.37
C HIS B 85 35.85 -1.44 -18.63
N VAL B 86 35.46 -2.02 -17.50
CA VAL B 86 36.41 -2.75 -16.66
C VAL B 86 37.13 -3.90 -17.41
N THR B 87 36.42 -4.54 -18.34
CA THR B 87 36.94 -5.66 -19.14
C THR B 87 38.03 -5.29 -20.15
N LEU B 88 38.14 -4.01 -20.50
CA LEU B 88 39.19 -3.51 -21.39
C LEU B 88 40.24 -2.76 -20.55
N SER B 89 41.52 -3.14 -20.63
CA SER B 89 42.57 -2.46 -19.86
C SER B 89 42.94 -1.07 -20.40
N GLN B 90 42.40 -0.69 -21.56
CA GLN B 90 42.43 0.69 -22.06
C GLN B 90 41.21 0.86 -22.98
N PRO B 91 40.63 2.07 -23.06
CA PRO B 91 39.35 2.19 -23.76
C PRO B 91 39.43 1.79 -25.24
N LYS B 92 38.42 1.03 -25.69
CA LYS B 92 38.38 0.44 -27.02
C LYS B 92 37.89 1.46 -28.04
N ILE B 93 38.81 1.90 -28.90
CA ILE B 93 38.46 2.73 -30.05
C ILE B 93 37.92 1.79 -31.13
N VAL B 94 36.82 2.18 -31.76
CA VAL B 94 36.24 1.43 -32.87
C VAL B 94 35.84 2.39 -34.01
N LYS B 95 36.65 2.46 -35.05
CA LYS B 95 36.44 3.39 -36.20
C LYS B 95 35.21 2.99 -37.03
N TRP B 96 34.53 4.03 -37.54
CA TRP B 96 33.25 3.90 -38.26
C TRP B 96 33.50 3.45 -39.67
N ASP B 97 32.88 2.35 -40.07
CA ASP B 97 32.98 1.90 -41.43
C ASP B 97 31.63 2.10 -42.11
N ARG B 98 31.68 2.70 -43.30
CA ARG B 98 30.48 2.93 -44.10
C ARG B 98 30.16 1.71 -44.97
N ASP B 99 30.99 0.66 -44.86
CA ASP B 99 30.75 -0.67 -45.48
C ASP B 99 30.14 -1.72 -44.53
N MET B 100 30.59 -1.72 -43.27
CA MET B 100 30.19 -2.70 -42.22
C MET B 100 28.98 -2.22 -41.41
N GLU C 1 1.07 1.15 -16.72
CA GLU C 1 1.88 1.85 -15.67
C GLU C 1 2.44 0.87 -14.64
N LEU C 2 3.33 1.38 -13.78
CA LEU C 2 4.07 0.58 -12.79
C LEU C 2 3.18 -0.20 -11.85
N ALA C 3 3.77 -1.24 -11.27
CA ALA C 3 3.21 -1.93 -10.12
C ALA C 3 3.28 -1.02 -8.88
N GLY C 4 2.22 -1.08 -8.04
CA GLY C 4 2.19 -0.46 -6.71
C GLY C 4 1.92 -1.47 -5.62
N ILE C 5 2.16 -2.74 -5.97
CA ILE C 5 1.88 -3.91 -5.13
C ILE C 5 2.78 -5.02 -5.65
N GLY C 6 3.08 -5.99 -4.80
CA GLY C 6 3.78 -7.21 -5.25
C GLY C 6 5.26 -6.98 -5.49
N ILE C 7 5.89 -6.37 -4.49
CA ILE C 7 7.25 -5.89 -4.55
C ILE C 7 7.77 -5.85 -3.11
N LEU C 8 8.92 -6.46 -2.86
CA LEU C 8 9.36 -6.64 -1.48
C LEU C 8 10.88 -6.68 -1.25
N THR C 9 11.27 -6.12 -0.10
CA THR C 9 12.64 -6.08 0.32
C THR C 9 13.15 -7.50 0.48
N VAL C 10 14.25 -7.82 -0.22
CA VAL C 10 14.69 -9.22 -0.40
C VAL C 10 15.11 -9.89 0.90
N GLU D 5 -12.64 11.46 -1.79
CA GLU D 5 -11.75 10.59 -2.64
C GLU D 5 -12.22 9.13 -2.63
N VAL D 6 -12.39 8.57 -1.43
CA VAL D 6 -13.00 7.24 -1.23
C VAL D 6 -14.37 7.38 -0.56
N GLU D 7 -15.42 7.56 -1.35
CA GLU D 7 -16.78 7.83 -0.83
C GLU D 7 -17.43 6.48 -0.52
N GLN D 8 -17.98 6.37 0.70
CA GLN D 8 -18.54 5.13 1.25
C GLN D 8 -20.01 5.29 1.56
N ASN D 9 -20.86 4.39 1.04
CA ASN D 9 -22.30 4.36 1.41
C ASN D 9 -22.39 4.42 2.93
N SER D 10 -23.28 5.25 3.47
CA SER D 10 -23.28 5.47 4.92
C SER D 10 -24.67 5.73 5.49
N GLY D 11 -24.88 5.24 6.72
CA GLY D 11 -26.16 5.29 7.41
C GLY D 11 -26.08 5.98 8.76
N PRO D 12 -26.11 5.26 9.89
CA PRO D 12 -25.85 3.82 10.00
C PRO D 12 -26.93 2.90 9.42
N LEU D 13 -26.54 1.63 9.31
CA LEU D 13 -27.33 0.59 8.65
C LEU D 13 -27.70 -0.47 9.67
N SER D 14 -28.97 -0.90 9.66
CA SER D 14 -29.42 -2.00 10.51
C SER D 14 -29.78 -3.22 9.70
N VAL D 15 -29.47 -4.38 10.26
CA VAL D 15 -29.68 -5.69 9.63
C VAL D 15 -29.89 -6.67 10.80
N PRO D 16 -30.95 -7.49 10.76
CA PRO D 16 -31.13 -8.44 11.87
C PRO D 16 -30.15 -9.61 11.88
N GLU D 17 -30.03 -10.29 13.03
CA GLU D 17 -29.22 -11.50 13.10
C GLU D 17 -29.63 -12.45 12.00
N GLY D 18 -28.64 -12.94 11.26
CA GLY D 18 -28.86 -13.84 10.14
C GLY D 18 -29.10 -13.14 8.81
N ALA D 19 -29.62 -11.93 8.83
CA ALA D 19 -29.86 -11.25 7.58
C ALA D 19 -28.53 -10.86 6.95
N ILE D 20 -28.55 -10.75 5.63
CA ILE D 20 -27.38 -10.38 4.85
C ILE D 20 -27.22 -8.86 4.92
N ALA D 21 -25.99 -8.39 5.01
CA ALA D 21 -25.68 -6.95 5.07
C ALA D 21 -24.66 -6.61 3.99
N SER D 22 -24.91 -5.58 3.21
CA SER D 22 -24.01 -5.19 2.13
C SER D 22 -23.53 -3.76 2.30
N LEU D 23 -22.30 -3.50 1.90
CA LEU D 23 -21.70 -2.18 1.96
C LEU D 23 -20.93 -1.96 0.66
N ASN D 24 -21.22 -0.85 -0.03
CA ASN D 24 -20.48 -0.44 -1.23
C ASN D 24 -19.49 0.62 -0.86
N CYS D 25 -18.61 0.87 -1.82
CA CYS D 25 -17.65 1.93 -1.73
C CYS D 25 -17.15 2.20 -3.12
N THR D 26 -16.77 3.45 -3.37
CA THR D 26 -16.25 3.87 -4.67
C THR D 26 -15.10 4.86 -4.48
N TYR D 27 -14.14 4.85 -5.43
CA TYR D 27 -12.86 5.59 -5.33
C TYR D 27 -12.52 6.30 -6.65
N SER D 28 -11.92 7.49 -6.54
CA SER D 28 -11.73 8.39 -7.69
C SER D 28 -10.25 8.53 -8.04
N ASP D 29 -9.64 7.41 -8.40
CA ASP D 29 -8.22 7.36 -8.80
C ASP D 29 -7.93 6.06 -9.54
N ARG D 30 -7.74 6.13 -10.87
CA ARG D 30 -7.41 4.92 -11.67
C ARG D 30 -6.14 4.21 -11.19
N GLY D 31 -5.20 5.00 -10.65
CA GLY D 31 -3.95 4.49 -10.07
C GLY D 31 -4.08 3.52 -8.90
N SER D 32 -5.26 3.47 -8.29
CA SER D 32 -5.60 2.48 -7.27
C SER D 32 -5.42 1.05 -7.79
N GLN D 33 -4.62 0.27 -7.06
CA GLN D 33 -4.35 -1.16 -7.40
C GLN D 33 -4.66 -2.19 -6.29
N SER D 34 -4.85 -1.71 -5.06
CA SER D 34 -5.11 -2.54 -3.88
C SER D 34 -6.32 -1.98 -3.11
N PHE D 35 -7.16 -2.90 -2.63
CA PHE D 35 -8.44 -2.54 -2.03
C PHE D 35 -8.73 -3.37 -0.78
N PHE D 36 -9.23 -2.71 0.27
CA PHE D 36 -9.35 -3.30 1.60
C PHE D 36 -10.63 -2.94 2.35
N TRP D 37 -11.06 -3.86 3.20
CA TRP D 37 -12.15 -3.64 4.14
C TRP D 37 -11.62 -3.89 5.53
N TYR D 38 -11.58 -2.83 6.33
CA TYR D 38 -11.23 -2.92 7.75
C TYR D 38 -12.49 -2.73 8.56
N ARG D 39 -12.46 -3.26 9.78
CA ARG D 39 -13.55 -3.14 10.74
C ARG D 39 -13.01 -2.44 11.97
N GLN D 40 -13.79 -1.55 12.57
CA GLN D 40 -13.37 -0.79 13.76
C GLN D 40 -14.50 -0.73 14.79
N TYR D 41 -14.27 -1.34 15.95
CA TYR D 41 -15.17 -1.18 17.08
C TYR D 41 -14.77 0.14 17.73
N SER D 42 -15.72 0.75 18.43
CA SER D 42 -15.50 2.07 19.05
C SER D 42 -14.31 2.05 20.02
N GLY D 43 -13.49 3.10 19.99
CA GLY D 43 -12.31 3.23 20.87
C GLY D 43 -11.30 2.10 20.79
N LYS D 44 -11.23 1.46 19.61
CA LYS D 44 -10.38 0.29 19.39
C LYS D 44 -9.77 0.38 17.99
N SER D 45 -8.80 -0.50 17.72
CA SER D 45 -7.90 -0.34 16.59
C SER D 45 -8.36 -1.19 15.38
N PRO D 46 -8.66 -0.54 14.21
CA PRO D 46 -9.05 -1.18 12.95
C PRO D 46 -8.28 -2.43 12.57
N GLU D 47 -9.00 -3.48 12.19
CA GLU D 47 -8.39 -4.75 11.81
C GLU D 47 -8.92 -5.20 10.47
N LEU D 48 -8.06 -5.82 9.66
CA LEU D 48 -8.47 -6.19 8.31
C LEU D 48 -9.40 -7.37 8.41
N ILE D 49 -10.40 -7.41 7.53
CA ILE D 49 -11.19 -8.62 7.31
C ILE D 49 -11.13 -9.11 5.85
N MET D 50 -11.00 -8.18 4.91
CA MET D 50 -10.95 -8.48 3.49
C MET D 50 -9.98 -7.57 2.74
N SER D 51 -9.27 -8.18 1.80
CA SER D 51 -8.36 -7.48 0.90
C SER D 51 -8.54 -8.07 -0.51
N ILE D 52 -8.52 -7.21 -1.53
CA ILE D 52 -8.76 -7.65 -2.90
C ILE D 52 -7.97 -6.80 -3.90
N TYR D 53 -7.33 -7.46 -4.86
CA TYR D 53 -6.37 -6.82 -5.79
C TYR D 53 -6.79 -6.82 -7.27
N SER D 54 -7.61 -7.78 -7.67
CA SER D 54 -8.18 -7.86 -9.04
C SER D 54 -9.71 -8.05 -9.03
N ASN D 55 -10.31 -7.90 -10.21
CA ASN D 55 -11.79 -7.85 -10.34
C ASN D 55 -12.45 -9.17 -9.98
N GLY D 56 -13.73 -9.07 -9.61
CA GLY D 56 -14.51 -10.23 -9.16
C GLY D 56 -14.56 -10.37 -7.65
N ASP D 57 -14.88 -11.57 -7.19
CA ASP D 57 -15.20 -11.81 -5.78
C ASP D 57 -14.09 -12.56 -5.07
N LYS D 58 -13.89 -12.23 -3.80
CA LYS D 58 -13.04 -13.00 -2.90
C LYS D 58 -13.93 -13.30 -1.70
N GLU D 59 -13.92 -14.54 -1.20
CA GLU D 59 -14.74 -14.93 -0.03
C GLU D 59 -13.98 -15.67 1.11
N ASP D 60 -14.33 -15.32 2.35
CA ASP D 60 -13.76 -15.89 3.58
C ASP D 60 -14.93 -16.26 4.51
N GLY D 61 -15.49 -17.44 4.28
CA GLY D 61 -16.67 -17.87 4.98
C GLY D 61 -17.72 -16.78 4.96
N ARG D 62 -17.97 -16.20 6.12
CA ARG D 62 -19.13 -15.32 6.28
C ARG D 62 -19.03 -13.93 5.63
N PHE D 63 -17.84 -13.48 5.26
CA PHE D 63 -17.69 -12.24 4.49
C PHE D 63 -17.29 -12.57 3.08
N THR D 64 -17.68 -11.69 2.17
CA THR D 64 -17.40 -11.83 0.74
C THR D 64 -17.33 -10.44 0.12
N ALA D 65 -16.15 -10.10 -0.41
CA ALA D 65 -15.90 -8.81 -1.05
C ALA D 65 -15.77 -9.01 -2.53
N GLN D 66 -16.00 -7.94 -3.28
CA GLN D 66 -15.88 -7.95 -4.74
C GLN D 66 -15.50 -6.58 -5.27
N LEU D 67 -14.81 -6.58 -6.42
CA LEU D 67 -14.14 -5.39 -6.95
C LEU D 67 -14.29 -5.27 -8.47
N ASN D 68 -14.56 -4.05 -8.95
CA ASN D 68 -14.56 -3.76 -10.38
C ASN D 68 -13.77 -2.48 -10.62
N LYS D 69 -12.50 -2.66 -10.97
CA LYS D 69 -11.60 -1.54 -11.25
C LYS D 69 -12.20 -0.58 -12.30
N ALA D 70 -12.83 -1.16 -13.30
CA ALA D 70 -13.52 -0.39 -14.35
C ALA D 70 -14.52 0.60 -13.77
N SER D 71 -15.54 0.10 -13.07
CA SER D 71 -16.56 0.99 -12.46
C SER D 71 -16.00 1.78 -11.27
N GLN D 72 -14.86 1.32 -10.73
CA GLN D 72 -14.24 1.82 -9.51
C GLN D 72 -15.10 1.48 -8.30
N TYR D 73 -15.45 0.20 -8.25
CA TYR D 73 -16.43 -0.34 -7.31
C TYR D 73 -15.76 -1.37 -6.42
N VAL D 74 -15.93 -1.21 -5.12
CA VAL D 74 -15.46 -2.18 -4.16
C VAL D 74 -16.58 -2.37 -3.16
N SER D 75 -16.85 -3.64 -2.89
CA SER D 75 -18.03 -4.06 -2.17
C SER D 75 -17.66 -5.01 -1.05
N LEU D 76 -18.56 -5.14 -0.09
CA LEU D 76 -18.46 -6.19 0.91
C LEU D 76 -19.88 -6.55 1.23
N LEU D 77 -20.14 -7.82 1.42
CA LEU D 77 -21.37 -8.21 2.10
C LEU D 77 -21.13 -9.31 3.11
N ILE D 78 -21.84 -9.19 4.23
CA ILE D 78 -21.71 -10.08 5.37
C ILE D 78 -22.90 -11.03 5.32
N ARG D 79 -22.61 -12.33 5.32
CA ARG D 79 -23.63 -13.38 5.42
C ARG D 79 -23.84 -13.78 6.89
N ASP D 80 -25.06 -14.19 7.23
CA ASP D 80 -25.35 -14.79 8.53
C ASP D 80 -25.13 -13.83 9.71
N SER D 81 -25.15 -12.52 9.41
CA SER D 81 -24.54 -11.50 10.27
C SER D 81 -24.82 -11.60 11.79
N GLN D 82 -23.74 -11.76 12.55
CA GLN D 82 -23.79 -11.85 14.01
C GLN D 82 -23.81 -10.44 14.63
N PRO D 83 -24.04 -10.34 15.95
CA PRO D 83 -23.85 -9.05 16.63
C PRO D 83 -22.37 -8.67 16.73
N SER D 84 -21.52 -9.70 16.85
CA SER D 84 -20.06 -9.62 16.63
C SER D 84 -19.63 -8.66 15.50
N ASP D 85 -20.51 -8.51 14.51
CA ASP D 85 -20.31 -7.63 13.35
C ASP D 85 -20.84 -6.20 13.53
N SER D 86 -21.17 -5.78 14.75
CA SER D 86 -21.60 -4.40 14.99
C SER D 86 -20.40 -3.45 14.87
N ALA D 87 -20.67 -2.15 14.98
CA ALA D 87 -19.64 -1.08 14.89
C ALA D 87 -19.00 -0.98 13.47
N THR D 88 -18.06 -0.04 13.29
CA THR D 88 -17.78 0.58 11.96
C THR D 88 -16.87 -0.14 10.93
N TYR D 89 -17.36 -0.20 9.70
CA TYR D 89 -16.70 -0.86 8.59
C TYR D 89 -16.08 0.17 7.65
N LEU D 90 -14.82 -0.11 7.27
CA LEU D 90 -13.93 0.85 6.62
C LEU D 90 -13.40 0.39 5.26
N CYS D 91 -13.74 1.17 4.24
CA CYS D 91 -13.21 1.02 2.90
C CYS D 91 -11.89 1.78 2.82
N ALA D 92 -10.83 1.06 2.44
CA ALA D 92 -9.54 1.67 2.22
C ALA D 92 -8.98 1.21 0.89
N VAL D 93 -8.25 2.12 0.24
CA VAL D 93 -7.71 1.90 -1.11
C VAL D 93 -6.23 2.32 -1.11
N GLY D 94 -5.40 1.51 -1.79
CA GLY D 94 -3.97 1.78 -1.96
C GLY D 94 -3.48 1.35 -3.34
N GLY D 95 -2.16 1.13 -3.44
CA GLY D 95 -1.48 0.75 -4.69
C GLY D 95 -0.78 1.89 -5.44
N GLY D 96 -0.40 2.95 -4.73
CA GLY D 96 0.30 4.10 -5.33
C GLY D 96 1.50 4.61 -4.54
N ALA D 97 2.08 3.75 -3.69
CA ALA D 97 3.21 4.10 -2.81
C ALA D 97 2.99 5.45 -2.13
N ASP D 98 1.79 5.64 -1.58
CA ASP D 98 1.37 6.89 -0.93
C ASP D 98 0.60 6.67 0.38
N GLY D 99 0.69 5.46 0.93
CA GLY D 99 -0.11 5.11 2.09
C GLY D 99 -1.48 4.60 1.72
N LEU D 100 -2.47 4.97 2.50
CA LEU D 100 -3.79 4.37 2.41
C LEU D 100 -4.85 5.39 2.83
N THR D 101 -5.72 5.78 1.90
CA THR D 101 -6.84 6.68 2.23
C THR D 101 -8.03 5.80 2.64
N PHE D 102 -8.49 6.00 3.87
CA PHE D 102 -9.67 5.34 4.40
C PHE D 102 -10.88 6.21 4.13
N GLY D 103 -11.99 5.59 3.76
CA GLY D 103 -13.22 6.32 3.57
C GLY D 103 -13.84 6.81 4.87
N LYS D 104 -14.87 7.65 4.72
CA LYS D 104 -15.74 8.11 5.83
C LYS D 104 -16.04 7.02 6.86
N GLY D 105 -16.36 5.83 6.37
CA GLY D 105 -16.77 4.71 7.19
C GLY D 105 -18.28 4.52 7.17
N THR D 106 -18.71 3.34 7.59
CA THR D 106 -20.12 2.99 7.74
C THR D 106 -20.31 2.22 9.05
N HIS D 107 -21.06 2.80 9.98
CA HIS D 107 -21.40 2.14 11.25
C HIS D 107 -22.54 1.18 10.94
N LEU D 108 -22.24 -0.12 10.95
CA LEU D 108 -23.26 -1.17 10.73
C LEU D 108 -23.59 -1.81 12.07
N ILE D 109 -24.82 -1.64 12.54
CA ILE D 109 -25.27 -2.19 13.83
C ILE D 109 -26.26 -3.33 13.59
N ILE D 110 -25.97 -4.51 14.15
CA ILE D 110 -26.79 -5.72 13.96
C ILE D 110 -27.72 -5.98 15.16
N GLN D 111 -28.97 -6.30 14.86
CA GLN D 111 -29.99 -6.57 15.87
C GLN D 111 -29.96 -8.04 16.28
N PRO D 112 -29.76 -8.32 17.59
CA PRO D 112 -29.55 -9.70 18.04
C PRO D 112 -30.80 -10.61 17.99
N TYR D 113 -31.51 -10.78 19.11
CA TYR D 113 -32.62 -11.72 19.24
C TYR D 113 -33.15 -11.50 20.65
N ILE D 114 -33.92 -10.44 20.84
CA ILE D 114 -34.58 -10.20 22.12
C ILE D 114 -35.80 -11.12 22.09
N GLN D 115 -35.52 -12.41 22.25
CA GLN D 115 -36.45 -13.47 21.92
C GLN D 115 -37.41 -13.83 23.06
N ASN D 116 -37.23 -13.20 24.21
CA ASN D 116 -38.17 -13.28 25.32
C ASN D 116 -38.30 -11.87 25.91
N PRO D 117 -38.92 -10.94 25.14
CA PRO D 117 -38.98 -9.54 25.57
C PRO D 117 -40.04 -9.27 26.64
N ASP D 118 -39.66 -8.52 27.68
CA ASP D 118 -40.59 -8.02 28.68
C ASP D 118 -40.13 -6.63 29.07
N PRO D 119 -40.66 -5.59 28.38
CA PRO D 119 -40.29 -4.21 28.78
C PRO D 119 -40.79 -3.86 30.20
N ALA D 120 -39.99 -3.11 30.97
CA ALA D 120 -40.31 -2.78 32.36
C ALA D 120 -39.47 -1.61 32.89
N VAL D 121 -40.00 -0.90 33.89
CA VAL D 121 -39.39 0.33 34.43
C VAL D 121 -39.31 0.29 35.97
N TYR D 122 -38.09 0.05 36.48
CA TYR D 122 -37.84 -0.07 37.94
C TYR D 122 -37.04 1.13 38.46
N GLN D 123 -36.77 1.14 39.76
CA GLN D 123 -35.85 2.13 40.36
C GLN D 123 -34.77 1.39 41.17
N LEU D 124 -33.62 2.05 41.35
CA LEU D 124 -32.39 1.41 41.86
C LEU D 124 -31.63 2.31 42.86
N ARG D 125 -32.08 2.38 44.11
CA ARG D 125 -31.46 3.31 45.09
C ARG D 125 -30.00 2.93 45.44
N ASP D 126 -29.28 3.90 46.01
CA ASP D 126 -27.82 3.80 46.18
C ASP D 126 -27.44 2.87 47.34
N SER D 127 -26.21 2.38 47.32
CA SER D 127 -25.65 1.55 48.42
C SER D 127 -24.80 2.33 49.44
N LYS D 128 -24.64 3.64 49.20
CA LYS D 128 -24.05 4.58 50.14
C LYS D 128 -24.96 5.81 50.32
N SER D 129 -26.26 5.65 50.03
CA SER D 129 -27.24 6.74 50.10
C SER D 129 -28.68 6.20 49.97
N SER D 130 -29.66 7.04 50.28
CA SER D 130 -31.08 6.72 50.11
C SER D 130 -31.67 7.69 49.08
N ASP D 131 -32.51 7.17 48.17
CA ASP D 131 -32.99 7.91 46.99
C ASP D 131 -31.76 8.23 46.10
N LYS D 132 -31.78 9.34 45.35
CA LYS D 132 -30.60 9.82 44.62
C LYS D 132 -30.10 8.72 43.66
N SER D 133 -31.00 8.29 42.78
CA SER D 133 -30.90 6.97 42.12
C SER D 133 -30.94 7.06 40.58
N VAL D 134 -31.19 5.92 39.91
CA VAL D 134 -31.28 5.83 38.43
C VAL D 134 -32.58 5.14 37.95
N CYS D 135 -32.79 5.09 36.63
CA CYS D 135 -33.94 4.43 35.99
C CYS D 135 -33.49 3.42 34.91
N LEU D 136 -33.70 2.13 35.18
CA LEU D 136 -33.29 1.05 34.29
C LEU D 136 -34.46 0.48 33.48
N PHE D 137 -34.60 0.95 32.24
CA PHE D 137 -35.55 0.39 31.27
C PHE D 137 -34.83 -0.76 30.56
N THR D 138 -35.36 -1.97 30.64
CA THR D 138 -34.56 -3.18 30.33
C THR D 138 -35.31 -4.37 29.70
N ASP D 139 -34.52 -5.25 29.07
CA ASP D 139 -34.97 -6.45 28.33
C ASP D 139 -35.89 -6.22 27.10
N PHE D 140 -36.09 -4.97 26.71
CA PHE D 140 -36.96 -4.61 25.58
C PHE D 140 -36.35 -5.02 24.23
N ASP D 141 -37.19 -5.02 23.19
CA ASP D 141 -36.78 -5.52 21.88
C ASP D 141 -35.86 -4.54 21.12
N SER D 142 -35.12 -5.09 20.16
CA SER D 142 -34.08 -4.34 19.43
C SER D 142 -34.60 -3.14 18.60
N GLN D 143 -35.83 -3.24 18.07
CA GLN D 143 -36.45 -2.14 17.30
C GLN D 143 -36.90 -0.90 18.14
N THR D 144 -36.68 -0.90 19.45
CA THR D 144 -36.93 0.28 20.30
C THR D 144 -35.84 1.36 20.13
N ASN D 145 -36.22 2.61 20.37
CA ASN D 145 -35.29 3.74 20.47
C ASN D 145 -35.34 4.31 21.89
N VAL D 146 -34.21 4.89 22.33
CA VAL D 146 -34.10 5.53 23.63
C VAL D 146 -33.57 6.97 23.42
N SER D 147 -34.48 7.85 23.01
CA SER D 147 -34.14 9.23 22.65
C SER D 147 -33.89 10.12 23.88
N GLN D 148 -33.37 11.31 23.62
CA GLN D 148 -32.81 12.21 24.65
C GLN D 148 -33.85 12.78 25.64
N SER D 149 -33.36 13.49 26.65
CA SER D 149 -34.18 13.95 27.80
C SER D 149 -35.07 15.18 27.52
N LYS D 150 -35.86 15.55 28.53
CA LYS D 150 -36.69 16.79 28.52
C LYS D 150 -36.00 17.95 29.23
N ASP D 151 -35.38 17.69 30.39
CA ASP D 151 -34.68 18.75 31.16
C ASP D 151 -33.19 18.82 30.83
N SER D 152 -32.60 19.99 31.11
CA SER D 152 -31.16 20.23 30.93
C SER D 152 -30.29 19.56 32.03
N ASP D 153 -30.90 19.19 33.15
CA ASP D 153 -30.24 18.43 34.23
C ASP D 153 -30.77 16.98 34.41
N VAL D 154 -31.67 16.52 33.53
CA VAL D 154 -32.05 15.10 33.40
C VAL D 154 -31.16 14.46 32.32
N TYR D 155 -30.45 13.39 32.68
CA TYR D 155 -29.44 12.77 31.80
C TYR D 155 -29.78 11.30 31.50
N ILE D 156 -30.41 11.08 30.35
CA ILE D 156 -30.78 9.74 29.87
C ILE D 156 -29.65 9.17 29.00
N THR D 157 -29.29 7.90 29.22
CA THR D 157 -28.34 7.17 28.36
C THR D 157 -29.09 6.47 27.22
N ASP D 158 -28.35 6.04 26.21
CA ASP D 158 -28.90 5.27 25.09
C ASP D 158 -28.74 3.78 25.42
N LYS D 159 -29.21 2.90 24.52
CA LYS D 159 -29.32 1.45 24.82
C LYS D 159 -27.97 0.74 24.90
N CYS D 160 -27.98 -0.55 25.21
CA CYS D 160 -26.77 -1.32 25.38
C CYS D 160 -27.07 -2.82 25.34
N VAL D 161 -26.58 -3.50 24.30
CA VAL D 161 -26.73 -4.95 24.18
C VAL D 161 -25.77 -5.61 25.18
N LEU D 162 -26.18 -6.75 25.73
CA LEU D 162 -25.62 -7.30 26.96
C LEU D 162 -25.68 -8.86 26.97
N ASP D 163 -24.67 -9.52 26.39
CA ASP D 163 -24.68 -10.98 26.21
C ASP D 163 -24.10 -11.73 27.41
N MET D 164 -24.72 -12.86 27.77
CA MET D 164 -24.20 -13.83 28.74
C MET D 164 -24.10 -15.19 28.05
N ARG D 165 -22.96 -15.86 28.17
CA ARG D 165 -22.79 -17.22 27.60
C ARG D 165 -23.33 -18.30 28.54
N SER D 166 -23.59 -17.95 29.80
CA SER D 166 -24.14 -18.87 30.79
C SER D 166 -25.61 -19.16 30.52
N MET D 167 -26.41 -18.09 30.42
CA MET D 167 -27.85 -18.19 30.12
C MET D 167 -28.19 -17.95 28.64
N ASP D 168 -27.21 -17.55 27.82
CA ASP D 168 -27.42 -17.20 26.39
C ASP D 168 -28.48 -16.10 26.15
N PHE D 169 -28.70 -15.25 27.16
CA PHE D 169 -29.68 -14.17 27.08
C PHE D 169 -28.97 -12.92 26.57
N LYS D 170 -29.75 -12.00 26.00
CA LYS D 170 -29.26 -10.71 25.51
C LYS D 170 -30.30 -9.63 25.84
N SER D 171 -29.94 -8.69 26.70
CA SER D 171 -30.88 -7.69 27.20
C SER D 171 -30.48 -6.27 26.81
N ASN D 172 -31.31 -5.61 26.01
CA ASN D 172 -31.13 -4.19 25.73
C ASN D 172 -31.57 -3.37 26.95
N SER D 173 -30.57 -2.85 27.69
CA SER D 173 -30.80 -2.20 28.99
C SER D 173 -30.33 -0.73 29.02
N ALA D 174 -31.28 0.19 28.86
CA ALA D 174 -31.01 1.65 28.96
C ALA D 174 -30.95 2.11 30.42
N VAL D 175 -30.38 3.29 30.63
CA VAL D 175 -30.22 3.89 31.97
C VAL D 175 -30.58 5.39 31.90
N ALA D 176 -30.99 5.97 33.03
CA ALA D 176 -31.27 7.41 33.12
C ALA D 176 -31.25 7.90 34.56
N TRP D 177 -31.00 9.19 34.76
CA TRP D 177 -31.05 9.81 36.09
C TRP D 177 -31.15 11.33 36.01
N SER D 178 -31.23 11.97 37.18
CA SER D 178 -31.21 13.42 37.29
C SER D 178 -30.90 13.88 38.71
N ASN D 179 -30.48 15.14 38.83
CA ASN D 179 -30.27 15.78 40.13
C ASN D 179 -31.61 16.30 40.72
N LYS D 180 -32.68 16.35 39.92
CA LYS D 180 -33.96 17.01 40.30
C LYS D 180 -34.62 16.40 41.56
N SER D 181 -35.27 17.27 42.33
CA SER D 181 -35.88 16.94 43.63
C SER D 181 -37.09 16.02 43.48
N ASP D 182 -38.03 16.46 42.63
CA ASP D 182 -39.26 15.71 42.33
C ASP D 182 -39.11 14.77 41.10
N PHE D 183 -37.95 14.10 41.01
CA PHE D 183 -37.66 13.19 39.90
C PHE D 183 -38.24 11.80 40.20
N ALA D 184 -38.77 11.15 39.18
CA ALA D 184 -39.35 9.80 39.29
C ALA D 184 -39.16 9.02 37.99
N CYS D 185 -39.60 7.76 38.00
CA CYS D 185 -39.29 6.83 36.90
C CYS D 185 -40.39 6.64 35.85
N ALA D 186 -41.61 7.06 36.16
CA ALA D 186 -42.68 7.09 35.14
C ALA D 186 -42.38 8.17 34.10
N ASN D 187 -42.02 9.37 34.57
CA ASN D 187 -41.64 10.48 33.69
C ASN D 187 -40.24 10.35 33.05
N ALA D 188 -39.43 9.40 33.52
CA ALA D 188 -38.06 9.19 33.01
C ALA D 188 -37.99 8.95 31.50
N PHE D 189 -39.02 8.36 30.91
CA PHE D 189 -39.07 8.14 29.46
C PHE D 189 -40.27 8.83 28.83
N ASN D 190 -40.34 10.14 29.06
CA ASN D 190 -41.36 11.03 28.45
C ASN D 190 -40.82 11.70 27.16
N ASN D 191 -40.00 10.97 26.39
CA ASN D 191 -39.52 11.45 25.07
C ASN D 191 -39.16 10.30 24.10
N SER D 192 -39.80 9.14 24.26
CA SER D 192 -39.46 7.94 23.47
C SER D 192 -40.67 7.01 23.34
N ILE D 193 -40.69 6.20 22.28
CA ILE D 193 -41.76 5.22 22.03
C ILE D 193 -41.42 3.92 22.79
N ILE D 194 -41.84 3.87 24.06
CA ILE D 194 -41.71 2.67 24.91
C ILE D 194 -42.96 1.80 24.64
N PRO D 195 -42.80 0.47 24.53
CA PRO D 195 -44.00 -0.39 24.34
C PRO D 195 -45.03 -0.30 25.48
N GLU D 196 -46.32 -0.28 25.14
CA GLU D 196 -47.40 -0.05 26.11
C GLU D 196 -47.87 -1.34 26.85
N ASP D 197 -47.18 -2.46 26.63
CA ASP D 197 -47.26 -3.63 27.52
C ASP D 197 -46.07 -3.66 28.50
N THR D 198 -45.61 -2.47 28.92
CA THR D 198 -44.47 -2.31 29.84
C THR D 198 -44.94 -2.55 31.29
N PHE D 199 -44.07 -3.16 32.09
CA PHE D 199 -44.37 -3.57 33.47
C PHE D 199 -43.74 -2.69 34.55
N PHE D 200 -44.42 -1.57 34.85
CA PHE D 200 -44.05 -0.63 35.93
C PHE D 200 -44.53 -1.27 37.24
N PRO D 201 -43.62 -1.62 38.17
CA PRO D 201 -44.10 -2.28 39.41
C PRO D 201 -44.90 -1.37 40.34
N GLY E 2 4.20 -8.28 17.63
CA GLY E 2 3.16 -7.37 17.08
C GLY E 2 3.65 -5.94 16.92
N ILE E 3 2.70 -5.02 16.76
CA ILE E 3 2.95 -3.57 16.82
C ILE E 3 2.42 -3.14 18.18
N THR E 4 3.17 -2.26 18.83
CA THR E 4 2.70 -1.62 20.04
C THR E 4 2.97 -0.15 19.89
N GLN E 5 1.93 0.64 20.06
CA GLN E 5 2.08 2.05 20.30
C GLN E 5 1.74 2.32 21.75
N SER E 6 2.49 3.23 22.37
CA SER E 6 2.18 3.71 23.72
C SER E 6 2.19 5.25 23.74
N PRO E 7 1.50 5.89 24.68
CA PRO E 7 0.64 5.25 25.67
C PRO E 7 -0.81 5.32 25.23
N LYS E 8 -1.64 4.41 25.72
CA LYS E 8 -3.07 4.38 25.40
C LYS E 8 -3.78 5.73 25.54
N TYR E 9 -3.38 6.54 26.52
CA TYR E 9 -3.91 7.90 26.68
C TYR E 9 -2.79 8.83 27.10
N LEU E 10 -3.06 10.13 27.03
CA LEU E 10 -2.13 11.19 27.50
C LEU E 10 -2.66 12.59 27.18
N PHE E 11 -2.01 13.61 27.74
CA PHE E 11 -2.29 15.01 27.43
C PHE E 11 -1.17 15.90 27.97
N ARG E 12 -0.71 16.88 27.18
CA ARG E 12 0.24 17.90 27.68
C ARG E 12 -0.17 19.31 27.32
N LYS E 13 0.11 20.23 28.26
CA LYS E 13 -0.30 21.62 28.14
C LYS E 13 0.48 22.30 27.04
N GLU E 14 -0.13 23.32 26.40
CA GLU E 14 0.52 24.05 25.31
C GLU E 14 1.85 24.63 25.80
N GLY E 15 2.85 24.62 24.92
CA GLY E 15 4.21 25.04 25.26
C GLY E 15 5.16 23.86 25.35
N GLN E 16 4.63 22.69 25.74
CA GLN E 16 5.38 21.43 25.77
C GLN E 16 4.96 20.50 24.64
N ASN E 17 5.94 19.71 24.18
CA ASN E 17 5.71 18.64 23.21
C ASN E 17 5.25 17.38 23.93
N VAL E 18 4.89 16.38 23.14
CA VAL E 18 4.70 15.04 23.64
C VAL E 18 4.95 14.08 22.49
N THR E 19 5.40 12.87 22.82
CA THR E 19 5.72 11.87 21.80
C THR E 19 4.95 10.58 22.04
N LEU E 20 4.45 10.03 20.93
CA LEU E 20 3.79 8.75 20.89
C LEU E 20 4.75 7.75 20.26
N SER E 21 5.44 6.99 21.10
CA SER E 21 6.41 6.00 20.63
C SER E 21 5.64 4.78 20.12
N CYS E 22 6.04 4.25 18.95
CA CYS E 22 5.44 3.06 18.36
C CYS E 22 6.49 2.12 17.74
N GLU E 23 6.62 0.93 18.31
CA GLU E 23 7.60 -0.07 17.88
C GLU E 23 6.90 -1.22 17.19
N GLN E 24 7.64 -1.96 16.36
CA GLN E 24 7.17 -3.22 15.79
C GLN E 24 8.35 -4.12 15.51
N ASN E 25 8.11 -5.43 15.56
CA ASN E 25 9.17 -6.43 15.37
C ASN E 25 8.90 -7.38 14.19
N LEU E 26 7.92 -7.03 13.36
CA LEU E 26 7.52 -7.87 12.23
C LEU E 26 8.53 -7.72 11.07
N ASN E 27 9.36 -6.68 11.13
CA ASN E 27 10.37 -6.36 10.13
C ASN E 27 9.67 -5.88 8.85
N HIS E 28 8.68 -5.02 9.05
CA HIS E 28 7.96 -4.38 7.96
C HIS E 28 8.69 -3.09 7.66
N ASP E 29 8.72 -2.74 6.38
CA ASP E 29 9.44 -1.54 5.93
C ASP E 29 8.56 -0.34 6.12
N ALA E 30 7.29 -0.48 5.72
CA ALA E 30 6.30 0.59 5.82
C ALA E 30 5.76 0.72 7.24
N MET E 31 5.67 1.96 7.72
CA MET E 31 5.04 2.30 9.01
C MET E 31 4.25 3.60 8.79
N TYR E 32 3.14 3.78 9.52
CA TYR E 32 2.27 4.93 9.30
C TYR E 32 1.65 5.41 10.59
N TRP E 33 1.37 6.71 10.65
CA TRP E 33 0.60 7.33 11.73
C TRP E 33 -0.60 8.04 11.14
N TYR E 34 -1.77 7.76 11.69
CA TYR E 34 -3.03 8.41 11.31
C TYR E 34 -3.61 9.08 12.53
N ARG E 35 -4.32 10.19 12.34
CA ARG E 35 -5.21 10.70 13.39
C ARG E 35 -6.65 10.58 12.93
N GLN E 36 -7.47 9.93 13.76
CA GLN E 36 -8.91 9.80 13.54
C GLN E 36 -9.62 10.81 14.41
N ASP E 37 -10.50 11.60 13.81
CA ASP E 37 -11.34 12.53 14.56
C ASP E 37 -12.74 11.97 14.51
N PRO E 38 -13.61 12.38 15.46
CA PRO E 38 -15.01 11.96 15.39
C PRO E 38 -15.71 12.67 14.22
N GLY E 39 -16.49 11.92 13.44
CA GLY E 39 -17.13 12.44 12.24
C GLY E 39 -16.31 12.08 11.01
N GLN E 40 -15.05 12.50 11.00
CA GLN E 40 -14.12 12.17 9.91
C GLN E 40 -13.72 10.70 9.95
N GLY E 41 -12.99 10.31 8.91
CA GLY E 41 -12.25 9.05 8.91
C GLY E 41 -10.89 9.32 9.52
N LEU E 42 -9.96 8.42 9.24
CA LEU E 42 -8.59 8.51 9.73
C LEU E 42 -7.81 9.26 8.65
N ARG E 43 -7.26 10.43 8.99
CA ARG E 43 -6.40 11.18 8.08
C ARG E 43 -4.99 10.69 8.31
N LEU E 44 -4.19 10.59 7.25
CA LEU E 44 -2.76 10.22 7.32
C LEU E 44 -1.89 11.41 7.71
N ILE E 45 -1.09 11.25 8.76
CA ILE E 45 -0.20 12.29 9.26
C ILE E 45 1.12 12.13 8.52
N TYR E 46 1.72 10.94 8.65
CA TYR E 46 2.94 10.58 7.96
C TYR E 46 2.89 9.10 7.62
N TYR E 47 3.72 8.72 6.66
CA TYR E 47 4.12 7.32 6.47
C TYR E 47 5.61 7.29 6.20
N SER E 48 6.20 6.10 6.32
CA SER E 48 7.65 5.94 6.22
C SER E 48 7.97 4.66 5.50
N GLN E 49 8.35 4.78 4.22
CA GLN E 49 8.54 3.61 3.34
C GLN E 49 9.74 2.74 3.73
N ILE E 50 10.85 3.40 4.03
CA ILE E 50 12.11 2.73 4.33
C ILE E 50 12.80 3.45 5.49
N VAL E 51 13.71 2.77 6.16
CA VAL E 51 14.48 3.35 7.26
C VAL E 51 15.10 4.73 6.89
N ASN E 52 15.20 5.61 7.89
CA ASN E 52 15.75 6.96 7.74
C ASN E 52 14.93 7.88 6.81
N ASP E 53 13.72 7.45 6.40
CA ASP E 53 12.91 8.20 5.41
C ASP E 53 11.41 8.22 5.78
N PHE E 54 10.77 9.37 5.54
CA PHE E 54 9.34 9.54 5.82
C PHE E 54 8.72 10.58 4.89
N GLN E 55 7.39 10.56 4.79
CA GLN E 55 6.67 11.36 3.79
C GLN E 55 5.35 11.92 4.35
N LYS E 56 5.12 13.21 4.10
CA LYS E 56 3.83 13.91 4.36
C LYS E 56 2.55 13.17 3.95
N GLY E 57 1.47 13.46 4.68
CA GLY E 57 0.09 13.17 4.28
C GLY E 57 -0.55 14.48 3.84
N ASP E 58 -1.61 14.92 4.54
CA ASP E 58 -2.12 16.30 4.39
C ASP E 58 -2.40 17.03 5.71
N ILE E 59 -2.07 16.41 6.85
CA ILE E 59 -2.33 16.97 8.17
C ILE E 59 -1.07 16.76 9.02
N ALA E 60 0.09 17.04 8.43
CA ALA E 60 1.39 16.87 9.10
C ALA E 60 1.88 18.14 9.79
N GLU E 61 1.32 19.30 9.41
CA GLU E 61 1.63 20.58 10.06
C GLU E 61 1.47 20.46 11.57
N GLY E 62 2.60 20.51 12.26
CA GLY E 62 2.66 20.33 13.71
C GLY E 62 2.77 18.89 14.14
N TYR E 63 3.57 18.09 13.41
CA TYR E 63 3.91 16.73 13.84
C TYR E 63 5.33 16.40 13.40
N SER E 64 6.13 15.83 14.31
CA SER E 64 7.44 15.30 13.95
C SER E 64 7.42 13.78 13.97
N VAL E 65 8.17 13.16 13.06
CA VAL E 65 8.45 11.72 13.10
C VAL E 65 9.91 11.43 12.74
N SER E 66 10.53 10.53 13.50
CA SER E 66 11.85 10.02 13.18
C SER E 66 11.73 8.58 12.67
N ARG E 67 12.74 8.11 11.94
CA ARG E 67 12.88 6.69 11.59
C ARG E 67 14.37 6.34 11.64
N GLU E 68 14.97 6.49 12.82
CA GLU E 68 16.41 6.25 12.97
C GLU E 68 16.65 4.74 12.78
N LYS E 69 15.79 3.94 13.41
CA LYS E 69 15.76 2.48 13.19
C LYS E 69 14.48 2.02 12.50
N LYS E 70 14.55 0.86 11.83
CA LYS E 70 13.39 0.23 11.18
C LYS E 70 12.32 -0.27 12.18
N GLU E 71 12.68 -0.51 13.43
CA GLU E 71 11.74 -1.02 14.44
C GLU E 71 10.66 0.01 14.78
N SER E 72 11.07 1.27 15.01
CA SER E 72 10.22 2.27 15.65
C SER E 72 9.96 3.55 14.84
N PHE E 73 8.73 4.05 14.95
CA PHE E 73 8.22 5.25 14.27
C PHE E 73 7.54 6.15 15.32
N PRO E 74 8.35 6.89 16.12
CA PRO E 74 7.78 7.75 17.16
C PRO E 74 7.19 9.04 16.59
N LEU E 75 5.96 9.35 16.97
CA LEU E 75 5.25 10.55 16.49
C LEU E 75 5.21 11.64 17.57
N THR E 76 5.99 12.71 17.35
CA THR E 76 5.99 13.83 18.26
C THR E 76 4.86 14.73 17.84
N VAL E 77 3.95 14.97 18.77
CA VAL E 77 2.95 16.01 18.68
C VAL E 77 3.58 17.19 19.37
N THR E 78 4.05 18.14 18.57
CA THR E 78 4.76 19.31 19.08
C THR E 78 3.78 20.26 19.77
N SER E 79 4.27 21.42 20.23
CA SER E 79 3.43 22.61 20.42
C SER E 79 2.89 22.92 19.02
N ALA E 80 1.89 22.13 18.64
CA ALA E 80 1.65 21.80 17.25
C ALA E 80 0.63 22.73 16.61
N GLN E 81 -0.64 22.36 16.64
CA GLN E 81 -1.69 23.16 16.07
C GLN E 81 -2.61 23.49 17.21
N LYS E 82 -3.58 24.36 16.95
CA LYS E 82 -4.55 24.75 17.97
C LYS E 82 -5.66 23.68 18.14
N ASN E 83 -5.41 22.41 17.74
CA ASN E 83 -6.39 21.31 17.87
C ASN E 83 -5.82 19.87 17.68
N PRO E 84 -4.86 19.43 18.54
CA PRO E 84 -4.32 18.07 18.46
C PRO E 84 -5.18 16.97 19.11
N THR E 85 -6.22 17.36 19.86
CA THR E 85 -7.09 16.38 20.54
C THR E 85 -7.67 15.43 19.50
N ALA E 86 -7.29 14.17 19.61
CA ALA E 86 -7.70 13.17 18.63
C ALA E 86 -7.38 11.75 19.11
N PHE E 87 -7.74 10.78 18.28
CA PHE E 87 -7.33 9.40 18.43
C PHE E 87 -6.23 9.13 17.39
N TYR E 88 -5.07 8.63 17.81
CA TYR E 88 -3.93 8.39 16.94
C TYR E 88 -3.61 6.92 16.81
N LEU E 89 -3.32 6.50 15.58
CA LEU E 89 -3.11 5.11 15.28
C LEU E 89 -1.79 4.91 14.58
N CYS E 90 -0.94 4.07 15.16
CA CYS E 90 0.26 3.61 14.50
C CYS E 90 -0.09 2.36 13.69
N ALA E 91 0.75 2.06 12.71
CA ALA E 91 0.52 0.95 11.80
C ALA E 91 1.80 0.59 11.07
N SER E 92 2.04 -0.71 10.87
CA SER E 92 3.07 -1.17 9.95
C SER E 92 2.40 -1.91 8.79
N SER E 93 3.12 -2.07 7.67
CA SER E 93 2.70 -2.95 6.57
C SER E 93 3.92 -3.48 5.83
N GLN E 94 3.90 -4.76 5.48
CA GLN E 94 5.04 -5.41 4.85
C GLN E 94 4.97 -5.08 3.36
N GLY E 95 5.95 -4.34 2.84
CA GLY E 95 6.03 -3.97 1.41
C GLY E 95 5.92 -2.49 1.09
N LEU E 96 5.31 -2.15 -0.04
CA LEU E 96 5.14 -0.74 -0.41
C LEU E 96 4.02 -0.13 0.43
N ALA E 97 4.11 1.18 0.66
CA ALA E 97 3.14 1.86 1.50
C ALA E 97 1.79 1.81 0.80
N GLY E 98 0.84 1.09 1.42
CA GLY E 98 -0.52 0.93 0.89
C GLY E 98 -0.78 -0.38 0.18
N ALA E 99 0.26 -1.17 -0.04
CA ALA E 99 0.14 -2.44 -0.75
C ALA E 99 -0.56 -3.52 0.06
N GLY E 100 -0.33 -3.58 1.37
CA GLY E 100 -0.69 -4.75 2.18
C GLY E 100 -1.55 -4.49 3.40
N GLU E 101 -1.51 -5.45 4.32
CA GLU E 101 -2.56 -5.64 5.33
C GLU E 101 -2.74 -4.45 6.28
N LEU E 102 -1.66 -3.70 6.57
CA LEU E 102 -1.64 -2.69 7.65
C LEU E 102 -1.99 -3.29 9.03
N PHE E 103 -0.96 -3.79 9.71
CA PHE E 103 -1.09 -4.28 11.08
C PHE E 103 -1.03 -3.04 11.98
N PHE E 104 -2.16 -2.72 12.62
CA PHE E 104 -2.30 -1.52 13.45
C PHE E 104 -1.79 -1.71 14.89
N GLY E 105 -1.47 -0.58 15.52
CA GLY E 105 -1.13 -0.56 16.94
C GLY E 105 -2.44 -0.67 17.68
N GLU E 106 -2.43 -0.29 18.95
CA GLU E 106 -3.66 -0.31 19.74
C GLU E 106 -4.05 1.10 20.20
N GLY E 107 -3.97 2.06 19.28
CA GLY E 107 -4.52 3.41 19.50
C GLY E 107 -3.88 4.29 20.57
N SER E 108 -4.16 5.59 20.50
CA SER E 108 -3.75 6.55 21.54
C SER E 108 -4.70 7.73 21.59
N ARG E 109 -5.07 8.12 22.80
CA ARG E 109 -6.08 9.14 23.02
C ARG E 109 -5.41 10.36 23.64
N LEU E 110 -5.02 11.29 22.76
CA LEU E 110 -4.41 12.56 23.14
C LEU E 110 -5.48 13.64 23.31
N THR E 111 -5.27 14.52 24.30
CA THR E 111 -6.16 15.65 24.56
C THR E 111 -5.33 16.88 24.96
N VAL E 112 -5.86 18.08 24.75
CA VAL E 112 -5.19 19.32 25.19
C VAL E 112 -5.42 19.46 26.70
N LEU E 113 -4.60 20.26 27.37
CA LEU E 113 -4.93 20.70 28.72
C LEU E 113 -4.74 22.23 28.83
N GLU E 114 -5.84 22.94 29.01
CA GLU E 114 -5.85 24.42 29.02
C GLU E 114 -5.32 24.94 30.35
N ASP E 115 -5.87 24.41 31.43
CA ASP E 115 -5.24 24.49 32.75
C ASP E 115 -5.69 23.29 33.61
N LEU E 116 -4.79 22.80 34.45
CA LEU E 116 -5.02 21.57 35.22
C LEU E 116 -6.02 21.73 36.38
N LYS E 117 -6.43 22.98 36.65
CA LYS E 117 -7.43 23.29 37.69
C LYS E 117 -8.76 22.57 37.44
N ASN E 118 -9.18 22.55 36.17
CA ASN E 118 -10.30 21.75 35.72
C ASN E 118 -9.77 20.39 35.23
N VAL E 119 -9.46 19.53 36.18
CA VAL E 119 -9.19 18.10 35.95
C VAL E 119 -9.70 17.38 37.18
N PHE E 120 -10.76 16.58 37.03
CA PHE E 120 -11.33 15.81 38.14
C PHE E 120 -11.26 14.31 37.85
N PRO E 121 -11.25 13.46 38.91
CA PRO E 121 -11.34 12.02 38.74
C PRO E 121 -12.81 11.54 38.79
N PRO E 122 -13.07 10.26 38.41
CA PRO E 122 -14.45 9.74 38.34
C PRO E 122 -15.04 9.34 39.69
N GLU E 123 -16.05 10.06 40.14
CA GLU E 123 -16.82 9.65 41.33
C GLU E 123 -17.73 8.49 40.92
N VAL E 124 -17.47 7.31 41.50
CA VAL E 124 -18.15 6.08 41.13
C VAL E 124 -19.24 5.73 42.17
N ALA E 125 -20.29 5.05 41.71
CA ALA E 125 -21.39 4.61 42.57
C ALA E 125 -22.21 3.48 41.91
N VAL E 126 -22.39 2.37 42.62
CA VAL E 126 -23.28 1.28 42.19
C VAL E 126 -24.71 1.64 42.59
N PHE E 127 -25.68 1.20 41.78
CA PHE E 127 -27.10 1.44 42.04
C PHE E 127 -27.81 0.10 42.12
N GLU E 128 -28.18 -0.28 43.34
CA GLU E 128 -28.57 -1.66 43.66
C GLU E 128 -29.77 -2.13 42.83
N PRO E 129 -29.80 -3.43 42.49
CA PRO E 129 -30.83 -3.91 41.58
C PRO E 129 -32.20 -3.98 42.25
N SER E 130 -33.16 -3.28 41.64
CA SER E 130 -34.59 -3.38 41.98
C SER E 130 -35.03 -4.80 42.34
N GLU E 131 -35.83 -4.93 43.40
CA GLU E 131 -36.42 -6.23 43.81
C GLU E 131 -37.58 -6.66 42.89
N ALA E 132 -38.36 -5.69 42.38
CA ALA E 132 -39.41 -5.97 41.39
C ALA E 132 -38.87 -6.39 40.01
N GLU E 133 -37.57 -6.19 39.77
CA GLU E 133 -36.86 -6.77 38.62
C GLU E 133 -36.30 -8.16 38.91
N ILE E 134 -35.83 -8.40 40.14
CA ILE E 134 -35.40 -9.75 40.58
C ILE E 134 -36.63 -10.65 40.78
N SER E 135 -37.83 -10.05 40.73
CA SER E 135 -39.12 -10.78 40.71
C SER E 135 -39.44 -11.45 39.37
N HIS E 136 -39.43 -10.69 38.27
CA HIS E 136 -39.81 -11.20 36.93
C HIS E 136 -38.77 -12.20 36.43
N THR E 137 -37.50 -11.88 36.70
CA THR E 137 -36.39 -12.48 35.98
C THR E 137 -35.90 -13.76 36.67
N GLN E 138 -34.69 -14.15 36.32
CA GLN E 138 -33.91 -15.17 37.01
C GLN E 138 -32.52 -14.50 37.08
N LYS E 139 -32.54 -13.22 37.46
CA LYS E 139 -31.48 -12.27 37.13
C LYS E 139 -31.49 -11.01 38.04
N ALA E 140 -30.49 -10.15 37.85
CA ALA E 140 -30.36 -8.88 38.59
C ALA E 140 -29.40 -7.90 37.89
N THR E 141 -29.91 -6.72 37.52
CA THR E 141 -29.13 -5.69 36.79
C THR E 141 -28.48 -4.69 37.74
N LEU E 142 -27.15 -4.79 37.90
CA LEU E 142 -26.35 -3.89 38.72
C LEU E 142 -25.74 -2.79 37.83
N VAL E 143 -26.20 -1.55 37.99
CA VAL E 143 -25.74 -0.40 37.18
C VAL E 143 -24.71 0.43 37.95
N CYS E 144 -23.71 0.95 37.22
CA CYS E 144 -22.64 1.75 37.81
C CYS E 144 -22.49 3.06 37.03
N LEU E 145 -22.43 4.18 37.77
CA LEU E 145 -22.22 5.51 37.18
C LEU E 145 -20.94 6.15 37.71
N ALA E 146 -19.85 5.97 36.96
CA ALA E 146 -18.69 6.84 37.09
C ALA E 146 -19.14 8.20 36.53
N THR E 147 -19.07 9.24 37.36
CA THR E 147 -19.61 10.56 37.00
C THR E 147 -18.79 11.72 37.61
N GLY E 148 -18.66 12.80 36.85
CA GLY E 148 -17.90 13.98 37.26
C GLY E 148 -16.39 13.87 37.10
N PHE E 149 -15.95 13.42 35.92
CA PHE E 149 -14.51 13.30 35.62
C PHE E 149 -14.13 13.99 34.31
N TYR E 150 -12.83 14.28 34.18
CA TYR E 150 -12.27 14.96 33.02
C TYR E 150 -10.75 14.82 33.10
N PRO E 151 -10.05 14.46 32.02
CA PRO E 151 -10.59 14.25 30.68
C PRO E 151 -11.25 12.88 30.51
N ASP E 152 -11.66 12.57 29.28
CA ASP E 152 -12.46 11.37 28.96
C ASP E 152 -11.79 10.00 29.16
N HIS E 153 -10.60 9.97 29.75
CA HIS E 153 -9.68 8.84 29.63
C HIS E 153 -9.94 7.81 30.73
N VAL E 154 -10.73 6.78 30.42
CA VAL E 154 -11.16 5.75 31.39
C VAL E 154 -11.29 4.35 30.77
N GLU E 155 -11.08 3.32 31.58
CA GLU E 155 -11.44 1.94 31.23
C GLU E 155 -12.42 1.44 32.29
N LEU E 156 -12.91 0.20 32.16
CA LEU E 156 -13.95 -0.31 33.07
C LEU E 156 -14.08 -1.83 33.05
N SER E 157 -13.58 -2.48 34.10
CA SER E 157 -13.85 -3.90 34.37
C SER E 157 -14.70 -4.00 35.66
N TRP E 158 -15.58 -5.01 35.74
CA TRP E 158 -16.26 -5.32 37.01
C TRP E 158 -15.47 -6.46 37.66
N TRP E 159 -15.48 -6.53 39.00
CA TRP E 159 -14.62 -7.47 39.75
C TRP E 159 -15.38 -8.34 40.79
N VAL E 160 -15.74 -9.56 40.38
CA VAL E 160 -16.38 -10.58 41.25
C VAL E 160 -15.33 -11.28 42.11
N ASN E 161 -15.33 -10.97 43.41
CA ASN E 161 -14.31 -11.46 44.37
C ASN E 161 -12.90 -10.93 44.08
N GLY E 162 -12.76 -10.16 43.00
CA GLY E 162 -11.52 -10.05 42.24
C GLY E 162 -11.57 -10.93 41.00
N LYS E 163 -12.44 -10.57 40.04
CA LYS E 163 -12.52 -11.21 38.71
C LYS E 163 -12.93 -10.20 37.63
N GLU E 164 -11.97 -9.71 36.83
CA GLU E 164 -12.28 -8.95 35.61
C GLU E 164 -13.29 -9.74 34.74
N VAL E 165 -14.51 -9.20 34.59
CA VAL E 165 -15.60 -9.92 33.90
C VAL E 165 -16.24 -9.12 32.76
N HIS E 166 -16.56 -9.83 31.67
CA HIS E 166 -17.03 -9.23 30.40
C HIS E 166 -18.48 -9.61 30.14
N SER E 167 -18.74 -10.92 30.06
CA SER E 167 -20.05 -11.44 29.66
C SER E 167 -21.01 -11.26 30.81
N GLY E 168 -22.12 -10.56 30.54
CA GLY E 168 -22.96 -9.99 31.58
C GLY E 168 -22.75 -8.49 31.63
N VAL E 169 -21.48 -8.06 31.51
CA VAL E 169 -21.16 -6.64 31.39
C VAL E 169 -21.35 -6.18 29.94
N CYS E 170 -21.98 -5.02 29.82
CA CYS E 170 -21.76 -4.12 28.69
C CYS E 170 -21.22 -2.85 29.34
N THR E 171 -20.36 -2.14 28.62
CA THR E 171 -19.79 -0.89 29.12
C THR E 171 -20.62 0.28 28.54
N ASP E 172 -20.07 1.06 27.61
CA ASP E 172 -20.72 2.27 27.06
C ASP E 172 -19.72 2.98 26.14
N PRO E 173 -19.62 2.54 24.88
CA PRO E 173 -18.68 3.11 23.91
C PRO E 173 -18.51 4.64 23.99
N GLN E 174 -19.63 5.34 24.03
CA GLN E 174 -19.69 6.79 24.25
C GLN E 174 -20.03 7.06 25.72
N PRO E 175 -19.34 8.02 26.36
CA PRO E 175 -19.77 8.52 27.66
C PRO E 175 -21.00 9.45 27.59
N LEU E 176 -21.12 10.38 28.54
CA LEU E 176 -22.12 11.46 28.48
C LEU E 176 -21.62 12.71 29.20
N LYS E 177 -21.55 13.85 28.49
CA LYS E 177 -21.22 15.12 29.13
C LYS E 177 -22.43 15.67 29.87
N GLU E 178 -22.17 16.27 31.04
CA GLU E 178 -23.19 16.85 31.90
C GLU E 178 -23.38 18.38 31.69
N GLN E 179 -22.67 18.95 30.72
CA GLN E 179 -22.81 20.36 30.31
C GLN E 179 -22.79 20.42 28.78
N PRO E 180 -23.95 20.69 28.13
CA PRO E 180 -24.01 20.65 26.66
C PRO E 180 -23.73 21.99 25.92
N ALA E 181 -22.48 22.46 25.98
CA ALA E 181 -22.03 23.64 25.20
C ALA E 181 -20.50 23.77 25.04
N LEU E 182 -19.82 24.29 26.06
CA LEU E 182 -18.39 24.71 25.94
C LEU E 182 -17.42 23.51 25.99
N ASN E 183 -16.14 23.79 25.73
CA ASN E 183 -15.08 22.77 25.66
C ASN E 183 -14.77 22.14 27.03
N ASP E 184 -14.61 22.97 28.05
CA ASP E 184 -14.34 22.51 29.42
C ASP E 184 -15.63 22.04 30.06
N SER E 185 -15.62 20.81 30.59
CA SER E 185 -16.83 20.20 31.16
C SER E 185 -16.55 18.87 31.87
N ARG E 186 -17.57 18.36 32.55
CA ARG E 186 -17.50 17.08 33.27
C ARG E 186 -18.18 15.96 32.46
N TYR E 187 -17.71 14.72 32.64
CA TYR E 187 -18.24 13.52 31.95
C TYR E 187 -18.97 12.59 32.92
N CYS E 188 -19.64 11.57 32.37
CA CYS E 188 -20.22 10.47 33.16
C CYS E 188 -20.48 9.21 32.34
N LEU E 189 -19.90 8.08 32.77
CA LEU E 189 -20.02 6.79 32.09
C LEU E 189 -21.19 6.00 32.68
N SER E 190 -21.59 4.92 32.00
CA SER E 190 -22.70 4.08 32.43
C SER E 190 -22.58 2.60 32.00
N SER E 191 -21.77 1.83 32.73
CA SER E 191 -21.70 0.38 32.51
C SER E 191 -22.93 -0.35 33.05
N ARG E 192 -23.09 -1.63 32.68
CA ARG E 192 -24.26 -2.45 33.07
C ARG E 192 -23.92 -3.94 33.22
N LEU E 193 -23.59 -4.37 34.44
CA LEU E 193 -23.38 -5.79 34.77
C LEU E 193 -24.68 -6.45 35.24
N ARG E 194 -25.11 -7.47 34.50
CA ARG E 194 -26.24 -8.30 34.84
C ARG E 194 -25.72 -9.66 35.25
N VAL E 195 -26.39 -10.28 36.21
CA VAL E 195 -26.02 -11.58 36.74
C VAL E 195 -27.29 -12.33 37.13
N SER E 196 -27.20 -13.66 37.13
CA SER E 196 -28.34 -14.51 37.51
C SER E 196 -28.71 -14.28 38.99
N ALA E 197 -29.90 -14.75 39.38
CA ALA E 197 -30.37 -14.59 40.77
C ALA E 197 -29.70 -15.60 41.73
N THR E 198 -29.10 -16.66 41.19
CA THR E 198 -28.43 -17.72 41.97
C THR E 198 -27.08 -17.32 42.61
N PHE E 199 -26.32 -16.45 41.96
CA PHE E 199 -25.03 -15.94 42.48
C PHE E 199 -25.05 -14.46 42.91
N TRP E 200 -26.12 -13.72 42.60
CA TRP E 200 -26.32 -12.35 43.11
C TRP E 200 -26.86 -12.37 44.54
N GLN E 201 -28.04 -12.98 44.69
CA GLN E 201 -28.85 -12.85 45.92
C GLN E 201 -28.18 -13.50 47.15
N ASN E 202 -27.31 -14.49 46.90
CA ASN E 202 -26.31 -14.99 47.86
C ASN E 202 -25.51 -13.81 48.45
N PRO E 203 -25.69 -13.50 49.75
CA PRO E 203 -25.02 -12.34 50.34
C PRO E 203 -23.50 -12.46 50.51
N ARG E 204 -22.96 -13.68 50.40
CA ARG E 204 -21.52 -13.93 50.43
C ARG E 204 -20.98 -14.05 48.98
N ASN E 205 -20.87 -12.89 48.32
CA ASN E 205 -20.38 -12.77 46.94
C ASN E 205 -20.19 -11.27 46.68
N HIS E 206 -18.96 -10.83 46.38
CA HIS E 206 -18.65 -9.38 46.23
C HIS E 206 -18.78 -8.86 44.78
N PHE E 207 -19.40 -7.68 44.62
CA PHE E 207 -19.59 -7.00 43.31
C PHE E 207 -19.01 -5.57 43.31
N ARG E 208 -18.42 -5.16 42.19
CA ARG E 208 -17.71 -3.86 42.11
C ARG E 208 -17.50 -3.40 40.65
N CYS E 209 -17.40 -2.08 40.46
CA CYS E 209 -17.18 -1.46 39.16
C CYS E 209 -16.04 -0.45 39.30
N GLN E 210 -14.89 -0.74 38.67
CA GLN E 210 -13.68 0.13 38.75
C GLN E 210 -13.36 0.90 37.45
N VAL E 211 -12.63 2.00 37.60
CA VAL E 211 -12.34 2.94 36.50
C VAL E 211 -10.85 3.32 36.48
N GLN E 212 -10.08 2.65 35.60
CA GLN E 212 -8.63 2.96 35.40
C GLN E 212 -8.46 4.36 34.77
N PHE E 213 -8.44 5.38 35.62
CA PHE E 213 -8.37 6.78 35.19
C PHE E 213 -6.94 7.13 34.79
N TYR E 214 -6.83 7.89 33.71
CA TYR E 214 -5.56 8.43 33.27
C TYR E 214 -5.59 9.91 33.56
N GLY E 215 -4.95 10.27 34.67
CA GLY E 215 -4.88 11.66 35.16
C GLY E 215 -3.48 12.21 35.04
N LEU E 216 -3.07 12.99 36.04
CA LEU E 216 -1.80 13.72 36.00
C LEU E 216 -0.60 12.81 36.29
N SER E 217 0.54 13.20 35.70
CA SER E 217 1.80 12.48 35.86
C SER E 217 2.43 12.79 37.21
N GLU E 218 3.64 12.28 37.44
CA GLU E 218 4.41 12.60 38.64
C GLU E 218 5.07 13.98 38.51
N ASN E 219 5.22 14.47 37.28
CA ASN E 219 5.90 15.74 36.97
C ASN E 219 5.11 17.02 37.38
N ASP E 220 3.80 16.92 37.54
CA ASP E 220 2.91 18.09 37.45
C ASP E 220 2.87 19.02 38.69
N GLU E 221 2.26 20.19 38.51
CA GLU E 221 2.32 21.31 39.46
C GLU E 221 1.10 21.38 40.38
N TRP E 222 1.15 22.28 41.37
CA TRP E 222 0.11 22.40 42.42
C TRP E 222 -0.10 23.84 42.97
N THR E 223 -1.32 24.36 42.83
CA THR E 223 -1.77 25.55 43.60
C THR E 223 -3.29 25.53 43.79
N GLN E 224 -3.75 24.52 44.52
CA GLN E 224 -5.17 24.26 44.78
C GLN E 224 -5.42 24.00 46.27
N ASP E 225 -6.70 24.01 46.67
CA ASP E 225 -7.11 23.63 48.03
C ASP E 225 -7.95 22.33 47.95
N ARG E 226 -7.28 21.27 47.50
CA ARG E 226 -7.83 19.91 47.45
C ARG E 226 -6.66 18.89 47.41
N ALA E 227 -6.75 17.82 46.63
CA ALA E 227 -5.61 16.94 46.34
C ALA E 227 -5.50 16.68 44.83
N LYS E 228 -4.30 16.27 44.39
CA LYS E 228 -4.03 16.02 42.97
C LYS E 228 -4.73 14.77 42.42
N PRO E 229 -5.18 14.82 41.14
CA PRO E 229 -5.67 13.64 40.42
C PRO E 229 -4.58 12.90 39.63
N VAL E 230 -4.13 11.76 40.14
CA VAL E 230 -3.06 10.95 39.52
C VAL E 230 -3.65 9.72 38.80
N THR E 231 -2.88 9.13 37.89
CA THR E 231 -3.16 7.82 37.28
C THR E 231 -3.35 6.71 38.33
N GLN E 232 -4.61 6.30 38.53
CA GLN E 232 -5.07 5.57 39.72
C GLN E 232 -6.09 4.50 39.31
N ILE E 233 -6.91 4.05 40.27
CA ILE E 233 -8.20 3.36 40.02
C ILE E 233 -9.27 3.93 40.98
N VAL E 234 -10.50 4.10 40.51
CA VAL E 234 -11.63 4.57 41.33
C VAL E 234 -12.79 3.58 41.24
N SER E 235 -13.35 3.18 42.39
CA SER E 235 -14.33 2.07 42.46
C SER E 235 -15.55 2.36 43.33
N ALA E 236 -16.57 1.51 43.20
CA ALA E 236 -17.77 1.51 44.04
C ALA E 236 -18.44 0.15 43.96
N GLU E 237 -19.00 -0.32 45.08
CA GLU E 237 -19.33 -1.74 45.27
C GLU E 237 -20.75 -2.10 45.75
N ALA E 238 -21.04 -3.39 45.69
CA ALA E 238 -22.30 -3.98 46.16
C ALA E 238 -22.05 -5.38 46.76
N TRP E 239 -23.11 -5.96 47.31
CA TRP E 239 -23.14 -7.36 47.74
C TRP E 239 -24.55 -7.90 47.52
N GLY E 240 -24.79 -9.16 47.88
CA GLY E 240 -26.13 -9.73 47.90
C GLY E 240 -26.89 -9.46 49.18
N ARG E 241 -28.22 -9.42 49.08
CA ARG E 241 -29.13 -9.30 50.23
C ARG E 241 -30.20 -10.39 50.09
N ALA E 242 -30.13 -11.43 50.93
CA ALA E 242 -31.02 -12.60 50.82
C ALA E 242 -32.52 -12.27 51.00
N ASP E 243 -33.36 -13.19 50.55
CA ASP E 243 -34.82 -13.10 50.74
C ASP E 243 -35.44 -14.52 50.90
N GLN E 244 -34.65 -15.45 51.44
S SCN F . 24.74 7.17 -17.90
C SCN F . 25.95 5.98 -17.77
N SCN F . 26.78 5.17 -17.70
K K G . 7.49 -7.58 -29.09
K K H . 12.74 -4.50 -25.20
CL CL I . 7.65 11.83 -5.38
#